data_2CXU
#
_entry.id   2CXU
#
_cell.length_a   69.853
_cell.length_b   115.988
_cell.length_c   73.287
_cell.angle_alpha   90.00
_cell.angle_beta   101.58
_cell.angle_gamma   90.00
#
_symmetry.space_group_name_H-M   'P 1 21 1'
#
loop_
_entity.id
_entity.type
_entity.pdbx_description
1 polymer 'Glucose-6-phosphate isomerase'
2 non-polymer 'PHOSPHATE ION'
3 non-polymer GLYCEROL
4 water water
#
_entity_poly.entity_id   1
_entity_poly.type   'polypeptide(L)'
_entity_poly.pdbx_seq_one_letter_code
;MAALTRNPQFQKLLEWHRANSANLKLRELFEADPERFNNFSLNLNTNHGHILVDYSKNLVSKEVMQMLVELAKSRGVEAA
RDNMFSGSKINYTEDRAVLHVALRNRSNTPIKVDGKDVMPEVNRVLDKMKSFCQRVRSGDWKGYTGKSITDIINIGIGGS
DLGPLMVTEALKPYSKGGPRVWFVSNIDGTHIAKTLASLSPETSLFIIASKTFTTQETITNAETAKEWFLEAAKDPSAVA
KHFVALSTNTAKVKEFGIDPQNMFEFWDWVGGRYSLWSAIGLSIALHVGFDHFEQLLSGAHWMDQHFLKTPLEKNAPVLL
ALLGIWYINCYGCETHALLPYDQYMHRFAAYFQQGDMESNGKYITKSGARVDHQTGPIVWGEPGTNGQHAFYQLIHQGTK
MIPCDFLIPVQTQHPIRKGLHHKILLANFLAQTEALMKGKLPEEARKELQAAGKSPEDLEKLLPHKVFEGNRPTNSIVFT
KLTPFILGALIAMYEHKIFVQGIMWDINSFDQWGVELGKQLAKKIEPELEGSSAVTSHDSSTNGLISFIKQQRDTKL
;
_entity_poly.pdbx_strand_id   A,B
#
loop_
_chem_comp.id
_chem_comp.type
_chem_comp.name
_chem_comp.formula
GOL non-polymer GLYCEROL 'C3 H8 O3'
PO4 non-polymer 'PHOSPHATE ION' 'O4 P -3'
#
# COMPACT_ATOMS: atom_id res chain seq x y z
N MET A 1 -33.48 -8.30 8.62
CA MET A 1 -32.57 -7.20 8.21
C MET A 1 -31.76 -6.65 9.39
N ALA A 2 -30.99 -5.59 9.16
CA ALA A 2 -30.07 -5.06 10.15
C ALA A 2 -30.50 -3.68 10.66
N ALA A 3 -29.91 -3.23 11.76
CA ALA A 3 -30.28 -1.94 12.37
C ALA A 3 -30.21 -0.76 11.40
N LEU A 4 -29.13 -0.65 10.62
CA LEU A 4 -28.99 0.47 9.69
C LEU A 4 -30.06 0.47 8.60
N THR A 5 -30.28 -0.68 7.97
CA THR A 5 -31.24 -0.77 6.88
C THR A 5 -32.69 -0.63 7.35
N ARG A 6 -32.95 -1.00 8.60
CA ARG A 6 -34.29 -0.86 9.20
C ARG A 6 -34.58 0.58 9.63
N ASN A 7 -33.52 1.37 9.74
CA ASN A 7 -33.61 2.75 10.23
C ASN A 7 -34.26 3.68 9.20
N PRO A 8 -35.32 4.37 9.61
CA PRO A 8 -36.08 5.21 8.67
C PRO A 8 -35.29 6.43 8.17
N GLN A 9 -34.39 6.95 8.99
CA GLN A 9 -33.52 8.07 8.58
C GLN A 9 -32.53 7.61 7.51
N PHE A 10 -32.10 6.34 7.59
CA PHE A 10 -31.25 5.78 6.55
C PHE A 10 -32.01 5.60 5.24
N GLN A 11 -33.22 5.03 5.33
CA GLN A 11 -34.03 4.80 4.15
C GLN A 11 -34.38 6.12 3.45
N LYS A 12 -34.59 7.17 4.25
CA LYS A 12 -34.83 8.52 3.73
C LYS A 12 -33.62 9.00 2.93
N LEU A 13 -32.44 8.85 3.53
CA LEU A 13 -31.19 9.23 2.89
C LEU A 13 -30.97 8.51 1.57
N LEU A 14 -31.18 7.19 1.58
CA LEU A 14 -31.01 6.38 0.38
C LEU A 14 -32.01 6.73 -0.72
N GLU A 15 -33.26 6.99 -0.33
CA GLU A 15 -34.30 7.41 -1.28
C GLU A 15 -33.92 8.73 -1.92
N TRP A 16 -33.44 9.67 -1.10
CA TRP A 16 -32.97 10.96 -1.57
C TRP A 16 -31.81 10.78 -2.54
N HIS A 17 -30.86 9.91 -2.19
CA HIS A 17 -29.75 9.60 -3.07
C HIS A 17 -30.23 9.10 -4.42
N ARG A 18 -31.19 8.18 -4.41
CA ARG A 18 -31.74 7.62 -5.65
C ARG A 18 -32.36 8.69 -6.54
N ALA A 19 -33.09 9.62 -5.94
CA ALA A 19 -33.83 10.64 -6.68
C ALA A 19 -33.00 11.87 -7.06
N ASN A 20 -31.95 12.15 -6.29
CA ASN A 20 -31.29 13.46 -6.39
C ASN A 20 -29.78 13.47 -6.63
N SER A 21 -29.09 12.37 -6.35
CA SER A 21 -27.63 12.37 -6.38
C SER A 21 -27.01 12.67 -7.75
N ALA A 22 -27.65 12.20 -8.82
CA ALA A 22 -27.20 12.47 -10.18
C ALA A 22 -27.20 13.96 -10.54
N ASN A 23 -27.92 14.76 -9.75
CA ASN A 23 -28.01 16.21 -9.94
C ASN A 23 -26.95 17.01 -9.17
N LEU A 24 -26.12 16.30 -8.39
CA LEU A 24 -25.02 16.93 -7.68
C LEU A 24 -23.80 17.02 -8.58
N LYS A 25 -23.42 18.26 -8.89
CA LYS A 25 -22.27 18.53 -9.75
C LYS A 25 -21.38 19.55 -9.05
N LEU A 26 -20.20 19.10 -8.64
CA LEU A 26 -19.30 19.91 -7.80
C LEU A 26 -18.96 21.27 -8.41
N ARG A 27 -18.57 21.28 -9.67
CA ARG A 27 -18.21 22.51 -10.36
C ARG A 27 -19.34 23.55 -10.26
N GLU A 28 -20.56 23.09 -10.51
CA GLU A 28 -21.73 23.96 -10.46
C GLU A 28 -22.10 24.36 -9.03
N LEU A 29 -21.90 23.46 -8.07
CA LEU A 29 -22.16 23.76 -6.67
C LEU A 29 -21.27 24.90 -6.17
N PHE A 30 -19.99 24.84 -6.56
CA PHE A 30 -19.04 25.90 -6.20
C PHE A 30 -19.34 27.23 -6.89
N GLU A 31 -19.72 27.17 -8.17
CA GLU A 31 -20.05 28.38 -8.92
C GLU A 31 -21.25 29.12 -8.36
N ALA A 32 -22.24 28.35 -7.90
CA ALA A 32 -23.51 28.90 -7.43
C ALA A 32 -23.45 29.49 -6.02
N ASP A 33 -22.48 29.06 -5.23
CA ASP A 33 -22.38 29.50 -3.84
C ASP A 33 -20.93 29.79 -3.44
N PRO A 34 -20.58 31.08 -3.35
CA PRO A 34 -19.24 31.50 -2.91
C PRO A 34 -18.93 31.13 -1.46
N GLU A 35 -19.95 30.78 -0.70
CA GLU A 35 -19.78 30.42 0.71
C GLU A 35 -19.58 28.92 0.92
N ARG A 36 -19.44 28.16 -0.16
CA ARG A 36 -19.39 26.69 -0.03
C ARG A 36 -18.25 26.22 0.87
N PHE A 37 -17.04 26.71 0.64
CA PHE A 37 -15.91 26.34 1.50
C PHE A 37 -16.21 26.67 2.97
N ASN A 38 -16.70 27.89 3.22
CA ASN A 38 -17.04 28.31 4.57
C ASN A 38 -18.08 27.42 5.24
N ASN A 39 -19.05 26.95 4.47
CA ASN A 39 -20.16 26.18 5.02
C ASN A 39 -19.87 24.70 5.21
N PHE A 40 -18.81 24.22 4.54
CA PHE A 40 -18.47 22.80 4.55
C PHE A 40 -17.00 22.57 4.89
N SER A 41 -16.53 23.25 5.93
CA SER A 41 -15.19 23.04 6.47
C SER A 41 -15.13 23.38 7.95
N LEU A 42 -14.15 22.79 8.63
CA LEU A 42 -13.92 23.01 10.06
C LEU A 42 -12.48 23.41 10.29
N ASN A 43 -12.28 24.62 10.82
CA ASN A 43 -10.95 25.11 11.15
C ASN A 43 -10.75 24.98 12.65
N LEU A 44 -10.08 23.90 13.05
CA LEU A 44 -9.90 23.59 14.46
C LEU A 44 -8.63 24.19 15.04
N ASN A 45 -8.80 25.00 16.08
CA ASN A 45 -7.65 25.56 16.79
C ASN A 45 -7.36 24.76 18.04
N THR A 46 -6.25 24.00 18.03
CA THR A 46 -5.88 23.14 19.16
C THR A 46 -5.06 23.88 20.21
N ASN A 47 -4.73 25.15 19.92
CA ASN A 47 -3.75 25.94 20.67
C ASN A 47 -2.31 25.47 20.49
N HIS A 48 -2.14 24.39 19.73
CA HIS A 48 -0.80 23.91 19.34
C HIS A 48 -0.74 23.65 17.84
N GLY A 49 -1.43 24.52 17.10
CA GLY A 49 -1.55 24.39 15.66
C GLY A 49 -3.00 24.23 15.26
N HIS A 50 -3.28 24.51 14.00
CA HIS A 50 -4.64 24.38 13.47
C HIS A 50 -4.76 23.13 12.61
N ILE A 51 -5.93 22.51 12.63
CA ILE A 51 -6.27 21.43 11.70
C ILE A 51 -7.50 21.86 10.93
N LEU A 52 -7.31 22.04 9.62
CA LEU A 52 -8.42 22.41 8.75
C LEU A 52 -8.94 21.15 8.07
N VAL A 53 -10.19 20.80 8.39
CA VAL A 53 -10.86 19.69 7.74
C VAL A 53 -11.82 20.28 6.72
N ASP A 54 -11.39 20.29 5.46
CA ASP A 54 -12.18 20.86 4.37
C ASP A 54 -12.89 19.74 3.64
N TYR A 55 -14.20 19.65 3.86
CA TYR A 55 -15.00 18.60 3.23
C TYR A 55 -15.92 19.16 2.13
N SER A 56 -15.59 20.34 1.62
CA SER A 56 -16.45 21.03 0.66
C SER A 56 -16.45 20.45 -0.75
N LYS A 57 -15.37 19.74 -1.12
CA LYS A 57 -15.30 19.09 -2.43
C LYS A 57 -15.97 17.71 -2.39
N ASN A 58 -16.98 17.58 -1.54
CA ASN A 58 -17.76 16.35 -1.46
C ASN A 58 -19.13 16.51 -2.12
N LEU A 59 -19.69 15.39 -2.56
CA LEU A 59 -20.97 15.37 -3.25
C LEU A 59 -22.12 15.47 -2.23
N VAL A 60 -22.18 16.63 -1.58
CA VAL A 60 -23.13 16.85 -0.50
C VAL A 60 -23.71 18.26 -0.58
N SER A 61 -24.92 18.41 -0.06
CA SER A 61 -25.54 19.71 0.14
C SER A 61 -25.87 19.84 1.62
N LYS A 62 -26.35 21.01 2.04
CA LYS A 62 -26.81 21.22 3.41
C LYS A 62 -27.81 20.14 3.79
N GLU A 63 -28.72 19.83 2.87
CA GLU A 63 -29.78 18.85 3.12
C GLU A 63 -29.20 17.45 3.38
N VAL A 64 -28.20 17.08 2.59
CA VAL A 64 -27.52 15.79 2.76
C VAL A 64 -26.85 15.71 4.14
N MET A 65 -26.11 16.76 4.48
CA MET A 65 -25.43 16.79 5.77
C MET A 65 -26.41 16.71 6.95
N GLN A 66 -27.54 17.42 6.82
CA GLN A 66 -28.60 17.36 7.83
C GLN A 66 -29.14 15.94 8.03
N MET A 67 -29.41 15.26 6.92
CA MET A 67 -29.92 13.88 6.93
C MET A 67 -28.91 12.92 7.55
N LEU A 68 -27.63 13.12 7.23
CA LEU A 68 -26.57 12.30 7.81
C LEU A 68 -26.44 12.50 9.33
N VAL A 69 -26.47 13.75 9.76
CA VAL A 69 -26.42 14.06 11.19
C VAL A 69 -27.64 13.46 11.91
N GLU A 70 -28.81 13.58 11.28
CA GLU A 70 -30.04 13.00 11.83
C GLU A 70 -29.94 11.48 11.95
N LEU A 71 -29.31 10.85 10.97
CA LEU A 71 -29.04 9.41 11.00
C LEU A 71 -28.10 9.03 12.15
N ALA A 72 -27.04 9.82 12.35
CA ALA A 72 -26.11 9.60 13.47
C ALA A 72 -26.83 9.64 14.81
N LYS A 73 -27.74 10.60 14.98
CA LYS A 73 -28.52 10.73 16.19
C LYS A 73 -29.44 9.52 16.39
N SER A 74 -30.13 9.14 15.31
CA SER A 74 -31.02 7.98 15.28
C SER A 74 -30.31 6.67 15.57
N ARG A 75 -29.02 6.58 15.21
CA ARG A 75 -28.22 5.38 15.46
C ARG A 75 -27.54 5.38 16.84
N GLY A 76 -27.80 6.42 17.63
CA GLY A 76 -27.33 6.49 19.00
C GLY A 76 -25.83 6.68 19.16
N VAL A 77 -25.23 7.43 18.23
CA VAL A 77 -23.78 7.65 18.22
C VAL A 77 -23.27 8.32 19.49
N GLU A 78 -23.94 9.38 19.94
CA GLU A 78 -23.49 10.11 21.13
C GLU A 78 -23.51 9.24 22.39
N ALA A 79 -24.60 8.48 22.58
CA ALA A 79 -24.70 7.58 23.72
C ALA A 79 -23.63 6.48 23.69
N ALA A 80 -23.40 5.91 22.52
CA ALA A 80 -22.38 4.88 22.35
C ALA A 80 -20.98 5.43 22.66
N ARG A 81 -20.71 6.65 22.20
CA ARG A 81 -19.44 7.33 22.48
C ARG A 81 -19.23 7.52 23.98
N ASP A 82 -20.25 8.07 24.64
CA ASP A 82 -20.21 8.28 26.09
C ASP A 82 -19.94 6.97 26.83
N ASN A 83 -20.53 5.89 26.33
CA ASN A 83 -20.32 4.57 26.90
C ASN A 83 -18.87 4.10 26.75
N MET A 84 -18.26 4.38 25.60
CA MET A 84 -16.86 4.06 25.41
C MET A 84 -16.00 4.78 26.44
N PHE A 85 -16.18 6.10 26.53
CA PHE A 85 -15.37 6.96 27.40
C PHE A 85 -15.53 6.65 28.89
N SER A 86 -16.68 6.08 29.26
CA SER A 86 -17.01 5.81 30.67
C SER A 86 -16.51 4.44 31.15
N GLY A 87 -16.03 3.62 30.22
CA GLY A 87 -15.51 2.31 30.57
C GLY A 87 -16.53 1.19 30.48
N SER A 88 -17.68 1.48 29.86
CA SER A 88 -18.69 0.46 29.60
C SER A 88 -18.11 -0.62 28.68
N LYS A 89 -18.54 -1.87 28.87
CA LYS A 89 -17.95 -2.98 28.14
C LYS A 89 -18.52 -3.14 26.74
N ILE A 90 -18.25 -2.15 25.89
CA ILE A 90 -18.87 -2.06 24.56
C ILE A 90 -18.29 -3.04 23.53
N ASN A 91 -17.14 -3.65 23.85
CA ASN A 91 -16.65 -4.80 23.08
C ASN A 91 -17.45 -6.00 23.57
N TYR A 92 -18.63 -6.19 22.98
CA TYR A 92 -19.65 -7.08 23.56
C TYR A 92 -19.39 -8.58 23.32
N THR A 93 -18.65 -8.92 22.26
CA THR A 93 -18.34 -10.32 22.01
C THR A 93 -17.24 -10.83 22.93
N GLU A 94 -16.38 -9.93 23.38
CA GLU A 94 -15.28 -10.29 24.28
C GLU A 94 -15.54 -9.86 25.72
N ASP A 95 -16.66 -9.18 25.94
CA ASP A 95 -17.01 -8.58 27.23
C ASP A 95 -15.85 -7.76 27.82
N ARG A 96 -15.40 -6.77 27.04
CA ARG A 96 -14.27 -5.92 27.41
C ARG A 96 -14.64 -4.46 27.28
N ALA A 97 -14.02 -3.62 28.10
CA ALA A 97 -14.05 -2.18 27.88
C ALA A 97 -13.21 -1.85 26.65
N VAL A 98 -13.35 -0.62 26.16
CA VAL A 98 -12.60 -0.13 25.02
C VAL A 98 -12.05 1.24 25.43
N LEU A 99 -10.80 1.25 25.89
CA LEU A 99 -10.30 2.43 26.60
C LEU A 99 -8.92 2.91 26.15
N HIS A 100 -8.70 2.91 24.83
CA HIS A 100 -7.52 3.62 24.33
C HIS A 100 -7.57 5.11 24.72
N VAL A 101 -8.77 5.67 24.90
CA VAL A 101 -8.88 7.05 25.38
C VAL A 101 -8.30 7.23 26.79
N ALA A 102 -8.32 6.18 27.62
CA ALA A 102 -7.75 6.26 28.97
C ALA A 102 -6.23 6.38 28.93
N LEU A 103 -5.62 5.72 27.95
CA LEU A 103 -4.16 5.72 27.80
C LEU A 103 -3.58 7.13 27.68
N ARG A 104 -4.33 8.01 27.04
CA ARG A 104 -3.91 9.39 26.78
C ARG A 104 -4.77 10.42 27.55
N ASN A 105 -5.44 9.96 28.60
CA ASN A 105 -6.30 10.82 29.43
C ASN A 105 -5.46 11.74 30.32
N ARG A 106 -4.96 12.83 29.73
CA ARG A 106 -4.02 13.74 30.38
C ARG A 106 -4.66 14.44 31.59
N SER A 107 -5.98 14.57 31.55
CA SER A 107 -6.76 15.21 32.63
C SER A 107 -6.71 14.41 33.93
N ASN A 108 -6.51 13.10 33.80
CA ASN A 108 -6.50 12.15 34.92
C ASN A 108 -7.82 11.98 35.67
N THR A 109 -8.90 12.48 35.09
CA THR A 109 -10.24 12.21 35.58
C THR A 109 -10.44 10.69 35.58
N PRO A 110 -10.86 10.13 36.72
CA PRO A 110 -11.05 8.68 36.83
C PRO A 110 -11.90 8.10 35.71
N ILE A 111 -11.46 6.98 35.17
CA ILE A 111 -12.26 6.17 34.27
C ILE A 111 -12.27 4.77 34.84
N LYS A 112 -13.46 4.28 35.17
CA LYS A 112 -13.61 3.04 35.92
C LYS A 112 -13.94 1.85 35.04
N VAL A 113 -13.30 0.72 35.33
CA VAL A 113 -13.68 -0.58 34.81
C VAL A 113 -13.86 -1.48 36.02
N ASP A 114 -15.03 -2.13 36.12
CA ASP A 114 -15.35 -3.00 37.25
C ASP A 114 -15.24 -2.24 38.59
N GLY A 115 -15.68 -0.98 38.58
CA GLY A 115 -15.67 -0.14 39.77
C GLY A 115 -14.33 0.48 40.14
N LYS A 116 -13.29 0.17 39.36
CA LYS A 116 -11.92 0.60 39.67
C LYS A 116 -11.34 1.54 38.62
N ASP A 117 -10.82 2.68 39.10
CA ASP A 117 -10.12 3.64 38.26
C ASP A 117 -8.93 2.98 37.58
N VAL A 118 -8.84 3.15 36.26
CA VAL A 118 -7.71 2.59 35.50
C VAL A 118 -6.51 3.54 35.43
N MET A 119 -6.74 4.80 35.76
CA MET A 119 -5.73 5.86 35.59
C MET A 119 -4.44 5.67 36.39
N PRO A 120 -4.51 5.29 37.68
CA PRO A 120 -3.29 5.00 38.44
C PRO A 120 -2.34 4.02 37.73
N GLU A 121 -2.89 2.92 37.18
CA GLU A 121 -2.05 1.95 36.49
C GLU A 121 -1.55 2.46 35.13
N VAL A 122 -2.39 3.22 34.43
CA VAL A 122 -1.98 3.87 33.18
C VAL A 122 -0.75 4.74 33.45
N ASN A 123 -0.85 5.59 34.47
CA ASN A 123 0.22 6.51 34.83
C ASN A 123 1.46 5.83 35.42
N ARG A 124 1.27 4.73 36.17
CA ARG A 124 2.39 3.95 36.69
C ARG A 124 3.25 3.40 35.55
N VAL A 125 2.61 2.83 34.53
CA VAL A 125 3.34 2.30 33.38
C VAL A 125 3.98 3.44 32.57
N LEU A 126 3.26 4.55 32.41
CA LEU A 126 3.85 5.72 31.74
C LEU A 126 5.10 6.21 32.46
N ASP A 127 5.05 6.26 33.80
CA ASP A 127 6.21 6.63 34.62
C ASP A 127 7.37 5.65 34.44
N LYS A 128 7.03 4.36 34.35
CA LYS A 128 8.03 3.32 34.13
C LYS A 128 8.71 3.50 32.76
N MET A 129 7.90 3.80 31.75
CA MET A 129 8.39 4.10 30.40
C MET A 129 9.32 5.31 30.42
N LYS A 130 8.90 6.37 31.10
CA LYS A 130 9.69 7.60 31.20
C LYS A 130 11.07 7.32 31.79
N SER A 131 11.08 6.62 32.92
CA SER A 131 12.32 6.27 33.60
C SER A 131 13.24 5.42 32.73
N PHE A 132 12.68 4.39 32.09
CA PHE A 132 13.45 3.53 31.19
C PHE A 132 14.05 4.32 30.03
N CYS A 133 13.25 5.20 29.42
CA CYS A 133 13.72 6.02 28.32
C CYS A 133 14.91 6.90 28.72
N GLN A 134 14.83 7.52 29.90
CA GLN A 134 15.92 8.34 30.41
C GLN A 134 17.20 7.52 30.53
N ARG A 135 17.08 6.31 31.09
CA ARG A 135 18.23 5.46 31.34
C ARG A 135 18.90 5.01 30.05
N VAL A 136 18.10 4.61 29.07
CA VAL A 136 18.64 4.14 27.80
C VAL A 136 19.21 5.29 26.96
N ARG A 137 18.42 6.36 26.78
CA ARG A 137 18.83 7.49 25.94
C ARG A 137 20.06 8.23 26.46
N SER A 138 20.22 8.28 27.78
CA SER A 138 21.33 8.99 28.41
C SER A 138 22.64 8.21 28.27
N GLY A 139 22.53 6.95 27.87
CA GLY A 139 23.67 6.05 27.81
C GLY A 139 23.94 5.32 29.12
N ASP A 140 23.14 5.60 30.15
CA ASP A 140 23.34 4.99 31.48
C ASP A 140 23.13 3.47 31.46
N TRP A 141 22.08 3.04 30.78
CA TRP A 141 21.77 1.62 30.63
C TRP A 141 22.86 0.95 29.79
N LYS A 142 23.54 -0.04 30.38
CA LYS A 142 24.62 -0.73 29.69
C LYS A 142 24.29 -2.17 29.33
N GLY A 143 24.84 -2.61 28.21
CA GLY A 143 24.70 -3.99 27.76
C GLY A 143 25.63 -4.92 28.52
N TYR A 144 25.63 -6.19 28.11
CA TYR A 144 26.33 -7.24 28.86
C TYR A 144 27.85 -7.09 28.88
N THR A 145 28.42 -6.31 27.97
CA THR A 145 29.86 -6.03 27.99
C THR A 145 30.18 -4.63 28.51
N GLY A 146 29.16 -3.92 28.96
CA GLY A 146 29.32 -2.62 29.58
C GLY A 146 29.28 -1.42 28.62
N LYS A 147 28.63 -1.58 27.47
CA LYS A 147 28.52 -0.52 26.47
C LYS A 147 27.11 0.07 26.44
N SER A 148 27.02 1.35 26.06
CA SER A 148 25.73 2.00 25.87
C SER A 148 24.97 1.40 24.70
N ILE A 149 23.64 1.42 24.79
CA ILE A 149 22.76 0.89 23.74
C ILE A 149 22.74 1.84 22.55
N THR A 150 22.93 1.31 21.33
CA THR A 150 22.93 2.14 20.12
C THR A 150 21.74 1.81 19.21
N ASP A 151 21.13 0.66 19.43
CA ASP A 151 20.08 0.14 18.56
C ASP A 151 18.96 -0.45 19.39
N ILE A 152 17.73 -0.08 19.05
CA ILE A 152 16.56 -0.72 19.64
C ILE A 152 15.80 -1.46 18.54
N ILE A 153 15.33 -2.66 18.86
CA ILE A 153 14.66 -3.50 17.88
C ILE A 153 13.31 -3.93 18.41
N ASN A 154 12.26 -3.38 17.80
CA ASN A 154 10.92 -3.80 18.15
C ASN A 154 10.61 -5.08 17.39
N ILE A 155 10.19 -6.12 18.12
CA ILE A 155 9.73 -7.35 17.50
C ILE A 155 8.26 -7.51 17.85
N GLY A 156 7.42 -7.51 16.82
CA GLY A 156 5.97 -7.58 17.01
C GLY A 156 5.32 -7.55 15.65
N ILE A 157 4.03 -7.87 15.60
CA ILE A 157 3.33 -7.90 14.31
C ILE A 157 1.95 -7.27 14.48
N GLY A 158 1.43 -6.70 13.39
CA GLY A 158 0.12 -6.08 13.40
C GLY A 158 0.06 -4.89 14.33
N GLY A 159 -0.83 -4.99 15.33
CA GLY A 159 -1.01 -3.92 16.30
C GLY A 159 0.23 -3.64 17.13
N SER A 160 1.11 -4.62 17.22
CA SER A 160 2.35 -4.47 17.97
C SER A 160 3.52 -4.01 17.11
N ASP A 161 3.22 -3.60 15.87
CA ASP A 161 4.24 -3.22 14.89
C ASP A 161 3.88 -1.93 14.15
N LEU A 162 2.70 -1.89 13.55
CA LEU A 162 2.35 -0.86 12.58
C LEU A 162 2.34 0.55 13.18
N GLY A 163 1.84 0.68 14.40
CA GLY A 163 1.79 1.97 15.08
C GLY A 163 3.17 2.54 15.38
N PRO A 164 3.96 1.80 16.16
CA PRO A 164 5.34 2.20 16.45
C PRO A 164 6.13 2.51 15.17
N LEU A 165 5.99 1.68 14.14
CA LEU A 165 6.69 1.92 12.89
C LEU A 165 6.20 3.20 12.22
N MET A 166 4.89 3.34 12.07
CA MET A 166 4.34 4.52 11.39
C MET A 166 4.72 5.80 12.13
N VAL A 167 4.62 5.78 13.46
CA VAL A 167 4.86 6.99 14.25
C VAL A 167 6.34 7.38 14.28
N THR A 168 7.25 6.41 14.44
CA THR A 168 8.69 6.73 14.41
C THR A 168 9.11 7.23 13.03
N GLU A 169 8.52 6.67 11.98
CA GLU A 169 8.77 7.18 10.63
C GLU A 169 8.27 8.62 10.47
N ALA A 170 7.04 8.87 10.94
CA ALA A 170 6.42 10.19 10.79
C ALA A 170 7.10 11.28 11.63
N LEU A 171 7.69 10.87 12.75
CA LEU A 171 8.31 11.81 13.68
C LEU A 171 9.84 11.73 13.66
N LYS A 172 10.38 11.24 12.55
CA LYS A 172 11.82 11.08 12.41
C LYS A 172 12.67 12.31 12.79
N PRO A 173 12.27 13.54 12.42
CA PRO A 173 13.03 14.74 12.80
C PRO A 173 13.18 14.94 14.30
N TYR A 174 12.34 14.27 15.09
CA TYR A 174 12.34 14.42 16.54
C TYR A 174 13.19 13.35 17.25
N SER A 175 13.94 12.58 16.46
CA SER A 175 14.71 11.44 16.97
C SER A 175 16.20 11.72 17.20
N LYS A 176 16.62 12.97 17.02
CA LYS A 176 18.02 13.32 17.24
C LYS A 176 18.43 13.01 18.68
N GLY A 177 19.56 12.32 18.83
CA GLY A 177 20.02 11.90 20.14
C GLY A 177 19.36 10.63 20.68
N GLY A 178 18.48 10.03 19.88
CA GLY A 178 17.87 8.77 20.25
C GLY A 178 18.59 7.61 19.58
N PRO A 179 18.42 6.40 20.10
CA PRO A 179 19.02 5.21 19.46
C PRO A 179 18.33 4.93 18.14
N ARG A 180 19.04 4.26 17.24
CA ARG A 180 18.44 3.80 15.99
C ARG A 180 17.33 2.82 16.36
N VAL A 181 16.22 2.89 15.63
CA VAL A 181 15.11 1.96 15.83
C VAL A 181 14.88 1.05 14.61
N TRP A 182 14.70 -0.23 14.88
CA TRP A 182 14.47 -1.23 13.86
C TRP A 182 13.15 -1.93 14.16
N PHE A 183 12.46 -2.39 13.12
CA PHE A 183 11.22 -3.13 13.29
C PHE A 183 11.31 -4.47 12.61
N VAL A 184 11.13 -5.51 13.40
CA VAL A 184 11.06 -6.88 12.89
C VAL A 184 9.65 -7.37 13.16
N SER A 185 8.99 -7.91 12.14
CA SER A 185 7.57 -8.27 12.26
C SER A 185 7.20 -9.55 11.52
N ASN A 186 7.57 -9.64 10.25
CA ASN A 186 7.28 -10.84 9.46
C ASN A 186 7.96 -12.06 10.07
N ILE A 187 7.28 -13.21 10.05
CA ILE A 187 7.94 -14.48 10.36
C ILE A 187 9.00 -14.80 9.31
N ASP A 188 8.76 -14.37 8.07
CA ASP A 188 9.74 -14.54 7.01
C ASP A 188 11.13 -14.22 7.55
N GLY A 189 12.00 -15.24 7.57
CA GLY A 189 13.34 -15.13 8.14
C GLY A 189 14.20 -14.02 7.58
N THR A 190 13.90 -13.59 6.35
CA THR A 190 14.53 -12.42 5.77
C THR A 190 14.48 -11.22 6.71
N HIS A 191 13.36 -11.04 7.40
CA HIS A 191 13.17 -9.83 8.19
C HIS A 191 14.15 -9.75 9.36
N ILE A 192 14.18 -10.79 10.20
CA ILE A 192 15.11 -10.80 11.33
C ILE A 192 16.55 -10.98 10.87
N ALA A 193 16.77 -11.77 9.82
CA ALA A 193 18.12 -12.07 9.36
C ALA A 193 18.86 -10.83 8.89
N LYS A 194 18.21 -10.01 8.07
CA LYS A 194 18.86 -8.82 7.56
C LYS A 194 18.98 -7.74 8.63
N THR A 195 18.13 -7.79 9.64
CA THR A 195 18.21 -6.89 10.80
C THR A 195 19.41 -7.24 11.69
N LEU A 196 19.52 -8.52 12.06
CA LEU A 196 20.62 -8.98 12.93
C LEU A 196 21.99 -8.84 12.26
N ALA A 197 22.02 -8.94 10.92
CA ALA A 197 23.26 -8.80 10.17
C ALA A 197 23.92 -7.44 10.37
N SER A 198 23.10 -6.45 10.75
CA SER A 198 23.55 -5.08 10.93
C SER A 198 23.76 -4.68 12.38
N LEU A 199 23.70 -5.65 13.29
CA LEU A 199 23.71 -5.33 14.72
C LEU A 199 24.81 -6.05 15.50
N SER A 200 25.15 -5.48 16.65
CA SER A 200 26.00 -6.13 17.63
C SER A 200 25.16 -6.53 18.84
N PRO A 201 25.29 -7.77 19.32
CA PRO A 201 24.59 -8.21 20.53
C PRO A 201 24.93 -7.34 21.74
N GLU A 202 26.11 -6.73 21.74
CA GLU A 202 26.59 -5.92 22.86
C GLU A 202 25.83 -4.60 23.04
N THR A 203 25.26 -4.08 21.96
CA THR A 203 24.71 -2.73 21.95
C THR A 203 23.26 -2.66 21.46
N SER A 204 22.62 -3.83 21.34
CA SER A 204 21.25 -3.93 20.85
C SER A 204 20.26 -4.28 21.96
N LEU A 205 19.17 -3.52 22.03
CA LEU A 205 18.10 -3.78 22.98
C LEU A 205 16.85 -4.21 22.22
N PHE A 206 16.37 -5.42 22.54
CA PHE A 206 15.17 -5.97 21.91
C PHE A 206 13.94 -5.71 22.74
N ILE A 207 12.88 -5.30 22.05
CA ILE A 207 11.61 -5.00 22.67
C ILE A 207 10.59 -5.98 22.10
N ILE A 208 10.15 -6.93 22.92
CA ILE A 208 9.19 -7.94 22.47
C ILE A 208 7.78 -7.45 22.74
N ALA A 209 7.10 -7.06 21.67
CA ALA A 209 5.80 -6.40 21.74
C ALA A 209 4.70 -7.36 21.33
N SER A 210 3.86 -7.74 22.29
CA SER A 210 2.79 -8.69 22.04
C SER A 210 1.76 -8.66 23.17
N LYS A 211 0.53 -8.28 22.83
CA LYS A 211 -0.55 -8.24 23.82
C LYS A 211 -0.70 -9.58 24.53
N THR A 212 -0.77 -10.66 23.75
CA THR A 212 -0.97 -12.01 24.27
C THR A 212 0.33 -12.67 24.72
N PHE A 213 1.43 -12.27 24.08
CA PHE A 213 2.74 -12.94 24.20
C PHE A 213 2.69 -14.41 23.77
N THR A 214 1.81 -14.73 22.82
CA THR A 214 1.74 -16.09 22.27
C THR A 214 1.68 -16.12 20.75
N THR A 215 1.64 -14.95 20.12
CA THR A 215 1.62 -14.87 18.66
C THR A 215 2.82 -15.59 18.07
N GLN A 216 2.58 -16.53 17.17
CA GLN A 216 3.63 -17.38 16.64
C GLN A 216 4.78 -16.60 16.01
N GLU A 217 4.46 -15.64 15.14
CA GLU A 217 5.51 -14.88 14.44
C GLU A 217 6.41 -14.16 15.45
N THR A 218 5.78 -13.50 16.42
CA THR A 218 6.50 -12.67 17.38
C THR A 218 7.36 -13.49 18.34
N ILE A 219 6.77 -14.54 18.91
CA ILE A 219 7.53 -15.41 19.81
C ILE A 219 8.66 -16.14 19.09
N THR A 220 8.44 -16.56 17.84
CA THR A 220 9.50 -17.22 17.07
C THR A 220 10.64 -16.24 16.76
N ASN A 221 10.28 -15.04 16.29
CA ASN A 221 11.28 -14.00 16.05
C ASN A 221 12.05 -13.69 17.34
N ALA A 222 11.33 -13.61 18.45
CA ALA A 222 11.92 -13.31 19.76
C ALA A 222 12.91 -14.40 20.18
N GLU A 223 12.53 -15.65 19.94
CA GLU A 223 13.39 -16.80 20.26
C GLU A 223 14.63 -16.84 19.37
N THR A 224 14.46 -16.49 18.10
CA THR A 224 15.58 -16.37 17.18
C THR A 224 16.54 -15.27 17.64
N ALA A 225 16.00 -14.13 18.07
CA ALA A 225 16.82 -13.03 18.56
C ALA A 225 17.58 -13.44 19.82
N LYS A 226 16.89 -14.12 20.74
CA LYS A 226 17.52 -14.58 21.98
C LYS A 226 18.64 -15.57 21.72
N GLU A 227 18.42 -16.47 20.76
CA GLU A 227 19.44 -17.47 20.41
C GLU A 227 20.67 -16.80 19.83
N TRP A 228 20.47 -15.83 18.93
CA TRP A 228 21.55 -15.05 18.36
C TRP A 228 22.31 -14.32 19.47
N PHE A 229 21.55 -13.73 20.39
CA PHE A 229 22.13 -12.97 21.48
C PHE A 229 22.97 -13.88 22.40
N LEU A 230 22.38 -15.02 22.76
CA LEU A 230 23.05 -15.94 23.70
C LEU A 230 24.24 -16.66 23.09
N GLU A 231 24.27 -16.80 21.77
CA GLU A 231 25.43 -17.35 21.07
C GLU A 231 26.67 -16.47 21.33
N ALA A 232 26.43 -15.17 21.45
CA ALA A 232 27.49 -14.20 21.74
C ALA A 232 27.73 -14.00 23.24
N ALA A 233 26.65 -13.87 24.01
CA ALA A 233 26.75 -13.50 25.42
C ALA A 233 27.08 -14.70 26.31
N LYS A 234 26.51 -15.86 25.98
CA LYS A 234 26.79 -17.12 26.67
C LYS A 234 26.45 -17.07 28.17
N ASP A 235 25.44 -16.27 28.50
CA ASP A 235 25.07 -16.01 29.88
C ASP A 235 23.59 -15.63 29.94
N PRO A 236 22.76 -16.50 30.52
CA PRO A 236 21.31 -16.26 30.56
C PRO A 236 20.94 -15.01 31.36
N SER A 237 21.74 -14.65 32.36
CA SER A 237 21.49 -13.45 33.16
C SER A 237 21.64 -12.16 32.33
N ALA A 238 22.38 -12.26 31.23
CA ALA A 238 22.61 -11.11 30.35
C ALA A 238 21.36 -10.70 29.56
N VAL A 239 20.40 -11.62 29.44
CA VAL A 239 19.15 -11.36 28.73
C VAL A 239 18.40 -10.17 29.33
N ALA A 240 18.43 -10.04 30.66
CA ALA A 240 17.77 -8.94 31.37
C ALA A 240 18.28 -7.55 30.98
N LYS A 241 19.48 -7.49 30.40
CA LYS A 241 20.06 -6.22 29.98
C LYS A 241 19.69 -5.88 28.53
N HIS A 242 19.11 -6.84 27.82
CA HIS A 242 18.93 -6.73 26.37
C HIS A 242 17.54 -7.05 25.84
N PHE A 243 16.65 -7.52 26.71
CA PHE A 243 15.30 -7.89 26.33
C PHE A 243 14.26 -7.32 27.29
N VAL A 244 13.31 -6.57 26.75
CA VAL A 244 12.16 -6.11 27.52
C VAL A 244 10.87 -6.57 26.84
N ALA A 245 9.77 -6.57 27.59
CA ALA A 245 8.50 -7.04 27.05
C ALA A 245 7.38 -6.02 27.23
N LEU A 246 6.55 -5.89 26.20
CA LEU A 246 5.34 -5.07 26.27
C LEU A 246 4.16 -6.01 26.09
N SER A 247 3.38 -6.20 27.14
CA SER A 247 2.38 -7.27 27.15
C SER A 247 1.31 -7.11 28.23
N THR A 248 0.27 -7.94 28.12
CA THR A 248 -0.72 -8.09 29.20
C THR A 248 -0.54 -9.43 29.92
N ASN A 249 0.34 -10.27 29.40
CA ASN A 249 0.48 -11.64 29.87
C ASN A 249 1.77 -11.88 30.65
N THR A 250 1.73 -11.57 31.94
CA THR A 250 2.88 -11.72 32.85
C THR A 250 3.45 -13.14 32.83
N ALA A 251 2.57 -14.14 32.88
CA ALA A 251 2.99 -15.55 32.94
C ALA A 251 3.82 -15.96 31.73
N LYS A 252 3.33 -15.62 30.53
CA LYS A 252 4.03 -15.98 29.30
C LYS A 252 5.32 -15.19 29.10
N VAL A 253 5.35 -13.95 29.60
CA VAL A 253 6.56 -13.14 29.61
C VAL A 253 7.65 -13.79 30.49
N LYS A 254 7.26 -14.22 31.69
CA LYS A 254 8.17 -14.92 32.60
C LYS A 254 8.65 -16.23 31.98
N GLU A 255 7.74 -16.95 31.35
CA GLU A 255 8.03 -18.24 30.71
C GLU A 255 9.05 -18.11 29.57
N PHE A 256 8.93 -17.03 28.79
CA PHE A 256 9.90 -16.73 27.74
C PHE A 256 11.28 -16.44 28.32
N GLY A 257 11.32 -15.97 29.56
CA GLY A 257 12.57 -15.74 30.26
C GLY A 257 12.92 -14.28 30.45
N ILE A 258 11.90 -13.42 30.44
CA ILE A 258 12.11 -11.99 30.67
C ILE A 258 11.79 -11.59 32.10
N ASP A 259 12.71 -10.83 32.69
CA ASP A 259 12.57 -10.20 34.00
C ASP A 259 11.20 -9.53 34.16
N PRO A 260 10.52 -9.77 35.29
CA PRO A 260 9.23 -9.12 35.55
C PRO A 260 9.35 -7.59 35.63
N GLN A 261 10.50 -7.10 36.06
CA GLN A 261 10.80 -5.66 36.09
C GLN A 261 11.05 -5.11 34.68
N ASN A 262 11.24 -6.00 33.72
CA ASN A 262 11.45 -5.61 32.33
C ASN A 262 10.16 -5.69 31.51
N MET A 263 9.03 -5.86 32.20
CA MET A 263 7.73 -5.90 31.54
C MET A 263 6.95 -4.60 31.70
N PHE A 264 6.56 -4.04 30.56
CA PHE A 264 5.74 -2.83 30.52
C PHE A 264 4.32 -3.27 30.20
N GLU A 265 3.45 -3.11 31.18
CA GLU A 265 2.12 -3.71 31.15
C GLU A 265 1.09 -2.86 30.40
N PHE A 266 0.21 -3.52 29.67
CA PHE A 266 -1.05 -2.90 29.29
C PHE A 266 -2.22 -3.85 29.59
N TRP A 267 -3.41 -3.52 29.10
CA TRP A 267 -4.66 -4.14 29.62
C TRP A 267 -5.56 -4.63 28.49
N ASP A 268 -6.49 -5.54 28.83
CA ASP A 268 -7.31 -6.16 27.79
C ASP A 268 -8.18 -5.17 27.02
N TRP A 269 -8.48 -4.04 27.64
CA TRP A 269 -9.27 -2.99 27.00
C TRP A 269 -8.47 -2.09 26.04
N VAL A 270 -7.21 -2.44 25.82
CA VAL A 270 -6.38 -1.82 24.78
C VAL A 270 -6.33 -2.75 23.56
N GLY A 271 -7.09 -2.41 22.52
CA GLY A 271 -7.03 -3.18 21.28
C GLY A 271 -5.66 -3.03 20.64
N GLY A 272 -5.16 -4.10 20.03
CA GLY A 272 -3.85 -4.03 19.38
C GLY A 272 -3.72 -2.85 18.41
N ARG A 273 -4.74 -2.70 17.57
CA ARG A 273 -4.74 -1.64 16.56
C ARG A 273 -5.05 -0.26 17.13
N TYR A 274 -5.20 -0.20 18.45
CA TYR A 274 -5.38 1.05 19.20
C TYR A 274 -4.34 1.14 20.31
N SER A 275 -3.19 0.48 20.14
CA SER A 275 -2.27 0.28 21.26
C SER A 275 -1.01 1.14 21.32
N LEU A 276 -0.69 1.89 20.26
CA LEU A 276 0.54 2.68 20.27
C LEU A 276 0.63 3.69 21.43
N TRP A 277 -0.53 4.03 21.99
CA TRP A 277 -0.65 4.98 23.10
C TRP A 277 -0.25 4.37 24.44
N SER A 278 -0.17 3.05 24.48
CA SER A 278 0.15 2.29 25.68
C SER A 278 1.64 1.98 25.74
N ALA A 279 1.98 1.00 26.58
CA ALA A 279 3.32 0.43 26.65
C ALA A 279 3.87 0.04 25.27
N ILE A 280 2.98 -0.34 24.36
CA ILE A 280 3.37 -0.69 22.98
C ILE A 280 4.13 0.46 22.31
N GLY A 281 3.90 1.69 22.78
CA GLY A 281 4.58 2.84 22.22
C GLY A 281 5.99 3.05 22.76
N LEU A 282 6.52 2.08 23.50
CA LEU A 282 7.85 2.25 24.09
C LEU A 282 8.94 2.57 23.07
N SER A 283 8.91 1.92 21.91
CA SER A 283 9.92 2.18 20.87
C SER A 283 9.82 3.61 20.33
N ILE A 284 8.61 4.16 20.30
CA ILE A 284 8.42 5.57 19.95
C ILE A 284 9.12 6.45 20.99
N ALA A 285 8.78 6.25 22.26
CA ALA A 285 9.33 7.07 23.33
C ALA A 285 10.86 6.98 23.41
N LEU A 286 11.40 5.79 23.18
CA LEU A 286 12.85 5.62 23.16
C LEU A 286 13.49 6.39 22.00
N HIS A 287 12.85 6.35 20.83
CA HIS A 287 13.39 6.95 19.63
C HIS A 287 13.32 8.47 19.64
N VAL A 288 12.16 9.02 20.01
CA VAL A 288 11.94 10.48 19.98
C VAL A 288 11.99 11.17 21.36
N GLY A 289 12.05 10.38 22.42
CA GLY A 289 12.06 10.90 23.77
C GLY A 289 10.68 10.85 24.38
N PHE A 290 10.62 10.66 25.70
CA PHE A 290 9.34 10.55 26.38
C PHE A 290 8.53 11.85 26.30
N ASP A 291 9.21 13.00 26.31
CA ASP A 291 8.53 14.29 26.19
C ASP A 291 7.71 14.37 24.91
N HIS A 292 8.31 13.94 23.79
CA HIS A 292 7.60 13.93 22.50
C HIS A 292 6.48 12.89 22.48
N PHE A 293 6.68 11.78 23.19
CA PHE A 293 5.62 10.79 23.35
C PHE A 293 4.43 11.36 24.14
N GLU A 294 4.72 12.13 25.17
CA GLU A 294 3.66 12.81 25.94
C GLU A 294 2.88 13.80 25.08
N GLN A 295 3.58 14.49 24.18
CA GLN A 295 2.96 15.43 23.25
C GLN A 295 2.02 14.69 22.29
N LEU A 296 2.47 13.54 21.80
CA LEU A 296 1.64 12.66 20.97
C LEU A 296 0.35 12.27 21.70
N LEU A 297 0.48 11.80 22.94
CA LEU A 297 -0.69 11.50 23.78
C LEU A 297 -1.60 12.71 23.96
N SER A 298 -1.00 13.86 24.23
CA SER A 298 -1.74 15.10 24.48
C SER A 298 -2.56 15.53 23.26
N GLY A 299 -2.01 15.34 22.07
CA GLY A 299 -2.72 15.64 20.83
C GLY A 299 -3.92 14.72 20.65
N ALA A 300 -3.73 13.45 20.95
CA ALA A 300 -4.85 12.50 20.92
C ALA A 300 -5.92 12.93 21.93
N HIS A 301 -5.49 13.30 23.13
CA HIS A 301 -6.40 13.76 24.18
C HIS A 301 -7.22 14.96 23.73
N TRP A 302 -6.58 15.91 23.05
CA TRP A 302 -7.28 17.08 22.52
C TRP A 302 -8.42 16.64 21.60
N MET A 303 -8.10 15.75 20.66
CA MET A 303 -9.08 15.22 19.72
C MET A 303 -10.16 14.38 20.40
N ASP A 304 -9.80 13.64 21.46
CA ASP A 304 -10.79 12.92 22.27
C ASP A 304 -11.82 13.89 22.83
N GLN A 305 -11.33 14.98 23.41
CA GLN A 305 -12.21 16.01 23.97
C GLN A 305 -13.05 16.69 22.90
N HIS A 306 -12.45 16.92 21.74
CA HIS A 306 -13.20 17.45 20.60
C HIS A 306 -14.37 16.54 20.25
N PHE A 307 -14.08 15.26 20.10
CA PHE A 307 -15.08 14.25 19.78
C PHE A 307 -16.18 14.17 20.83
N LEU A 308 -15.78 14.23 22.10
CA LEU A 308 -16.69 14.09 23.23
C LEU A 308 -17.63 15.29 23.42
N LYS A 309 -17.12 16.49 23.18
CA LYS A 309 -17.80 17.72 23.60
C LYS A 309 -18.47 18.53 22.49
N THR A 310 -18.19 18.20 21.23
CA THR A 310 -18.64 19.00 20.10
C THR A 310 -19.94 18.48 19.50
N PRO A 311 -20.91 19.37 19.27
CA PRO A 311 -22.14 19.01 18.55
C PRO A 311 -21.83 18.27 17.25
N LEU A 312 -22.61 17.23 16.95
CA LEU A 312 -22.33 16.34 15.82
C LEU A 312 -22.06 17.06 14.50
N GLU A 313 -22.83 18.11 14.23
CA GLU A 313 -22.73 18.84 12.96
C GLU A 313 -21.41 19.61 12.77
N LYS A 314 -20.64 19.77 13.84
CA LYS A 314 -19.35 20.45 13.79
C LYS A 314 -18.23 19.60 14.36
N ASN A 315 -18.48 18.28 14.43
CA ASN A 315 -17.60 17.30 15.07
C ASN A 315 -16.78 16.59 13.99
N ALA A 316 -15.48 16.88 13.91
CA ALA A 316 -14.63 16.39 12.81
C ALA A 316 -14.69 14.88 12.53
N PRO A 317 -14.39 14.01 13.50
CA PRO A 317 -14.49 12.56 13.24
C PRO A 317 -15.88 12.10 12.85
N VAL A 318 -16.91 12.75 13.40
CA VAL A 318 -18.29 12.41 13.06
C VAL A 318 -18.57 12.74 11.59
N LEU A 319 -18.20 13.95 11.17
CA LEU A 319 -18.41 14.36 9.78
C LEU A 319 -17.66 13.48 8.80
N LEU A 320 -16.41 13.14 9.12
CA LEU A 320 -15.64 12.23 8.27
C LEU A 320 -16.33 10.86 8.17
N ALA A 321 -16.81 10.37 9.31
CA ALA A 321 -17.55 9.11 9.35
C ALA A 321 -18.81 9.14 8.49
N LEU A 322 -19.58 10.21 8.63
CA LEU A 322 -20.83 10.36 7.88
C LEU A 322 -20.61 10.44 6.36
N LEU A 323 -19.59 11.18 5.93
CA LEU A 323 -19.26 11.24 4.51
C LEU A 323 -18.92 9.84 3.97
N GLY A 324 -18.20 9.07 4.77
CA GLY A 324 -17.88 7.69 4.43
C GLY A 324 -19.13 6.83 4.28
N ILE A 325 -20.07 6.97 5.20
CA ILE A 325 -21.35 6.23 5.14
C ILE A 325 -22.08 6.56 3.83
N TRP A 326 -22.11 7.85 3.50
CA TRP A 326 -22.69 8.34 2.26
C TRP A 326 -22.08 7.63 1.04
N TYR A 327 -20.75 7.59 0.97
CA TYR A 327 -20.09 6.95 -0.18
C TYR A 327 -20.18 5.44 -0.17
N ILE A 328 -20.12 4.84 1.01
CA ILE A 328 -20.15 3.37 1.13
C ILE A 328 -21.57 2.82 0.93
N ASN A 329 -22.52 3.33 1.72
CA ASN A 329 -23.86 2.76 1.75
C ASN A 329 -24.85 3.35 0.74
N CYS A 330 -24.55 4.53 0.22
CA CYS A 330 -25.39 5.11 -0.82
C CYS A 330 -24.77 5.03 -2.22
N TYR A 331 -23.50 5.42 -2.37
CA TYR A 331 -22.81 5.31 -3.66
C TYR A 331 -22.22 3.93 -3.94
N GLY A 332 -21.98 3.15 -2.89
CA GLY A 332 -21.43 1.80 -3.05
C GLY A 332 -19.94 1.72 -3.32
N CYS A 333 -19.18 2.74 -2.88
CA CYS A 333 -17.73 2.75 -3.10
C CYS A 333 -17.01 1.77 -2.18
N GLU A 334 -16.26 0.85 -2.78
CA GLU A 334 -15.57 -0.19 -2.01
C GLU A 334 -14.39 0.33 -1.22
N THR A 335 -13.76 1.39 -1.72
CA THR A 335 -12.46 1.81 -1.17
C THR A 335 -12.42 3.22 -0.62
N HIS A 336 -11.39 3.48 0.18
CA HIS A 336 -11.12 4.80 0.72
C HIS A 336 -9.61 5.03 0.65
N ALA A 337 -9.21 6.06 -0.10
CA ALA A 337 -7.78 6.33 -0.30
C ALA A 337 -7.27 7.37 0.68
N LEU A 338 -6.15 7.06 1.32
CA LEU A 338 -5.46 8.00 2.19
C LEU A 338 -4.18 8.43 1.53
N LEU A 339 -4.08 9.73 1.24
CA LEU A 339 -3.02 10.29 0.41
C LEU A 339 -2.33 11.49 1.09
N PRO A 340 -1.47 11.21 2.07
CA PRO A 340 -0.72 12.28 2.74
C PRO A 340 0.41 12.78 1.84
N TYR A 341 0.46 14.08 1.61
CA TYR A 341 1.53 14.68 0.82
C TYR A 341 2.69 14.95 1.74
N ASP A 342 3.26 13.85 2.23
CA ASP A 342 4.30 13.90 3.23
C ASP A 342 5.03 12.57 3.27
N GLN A 343 6.30 12.61 2.90
CA GLN A 343 7.13 11.41 2.85
C GLN A 343 7.30 10.77 4.23
N TYR A 344 7.40 11.60 5.27
CA TYR A 344 7.49 11.06 6.63
C TYR A 344 6.24 10.22 6.97
N MET A 345 5.10 10.59 6.40
CA MET A 345 3.85 9.86 6.61
C MET A 345 3.66 8.67 5.67
N HIS A 346 4.75 8.12 5.14
CA HIS A 346 4.65 7.07 4.12
C HIS A 346 3.99 5.77 4.59
N ARG A 347 3.92 5.57 5.91
CA ARG A 347 3.27 4.37 6.44
C ARG A 347 1.92 4.65 7.14
N PHE A 348 1.40 5.85 6.97
CA PHE A 348 0.10 6.27 7.53
C PHE A 348 -1.05 5.43 6.97
N ALA A 349 -1.11 5.29 5.65
CA ALA A 349 -2.16 4.48 5.02
C ALA A 349 -2.12 3.02 5.46
N ALA A 350 -0.91 2.45 5.49
CA ALA A 350 -0.74 1.06 5.95
C ALA A 350 -1.22 0.86 7.37
N TYR A 351 -0.97 1.86 8.22
CA TYR A 351 -1.44 1.82 9.61
C TYR A 351 -2.95 1.76 9.66
N PHE A 352 -3.63 2.63 8.91
CA PHE A 352 -5.09 2.65 8.92
C PHE A 352 -5.74 1.53 8.11
N GLN A 353 -4.96 0.80 7.33
CA GLN A 353 -5.47 -0.48 6.81
C GLN A 353 -5.87 -1.37 7.97
N GLN A 354 -5.00 -1.49 8.98
CA GLN A 354 -5.39 -2.26 10.16
C GLN A 354 -6.47 -1.54 10.95
N GLY A 355 -6.22 -0.27 11.29
CA GLY A 355 -7.12 0.47 12.15
C GLY A 355 -8.54 0.45 11.66
N ASP A 356 -8.72 0.68 10.37
CA ASP A 356 -10.04 0.72 9.75
C ASP A 356 -10.54 -0.69 9.43
N MET A 357 -9.78 -1.42 8.61
CA MET A 357 -10.27 -2.69 8.06
C MET A 357 -10.42 -3.81 9.09
N GLU A 358 -9.51 -3.88 10.07
CA GLU A 358 -9.66 -4.90 11.12
C GLU A 358 -10.78 -4.54 12.09
N SER A 359 -11.05 -3.24 12.22
CA SER A 359 -12.14 -2.75 13.06
C SER A 359 -13.49 -3.01 12.41
N ASN A 360 -13.64 -2.57 11.17
CA ASN A 360 -14.96 -2.52 10.55
C ASN A 360 -15.22 -3.51 9.42
N GLY A 361 -14.25 -4.38 9.17
CA GLY A 361 -14.42 -5.48 8.23
C GLY A 361 -15.20 -6.60 8.90
N LYS A 362 -16.49 -6.37 9.11
CA LYS A 362 -17.33 -7.23 9.93
C LYS A 362 -18.65 -7.48 9.22
N TYR A 363 -19.35 -8.53 9.62
CA TYR A 363 -20.61 -8.87 8.97
C TYR A 363 -21.75 -9.27 9.91
N ILE A 364 -21.47 -9.34 11.22
CA ILE A 364 -22.50 -9.66 12.21
C ILE A 364 -22.78 -8.45 13.10
N THR A 365 -24.05 -8.11 13.30
CA THR A 365 -24.44 -6.98 14.15
C THR A 365 -24.65 -7.34 15.63
N LYS A 366 -24.87 -6.31 16.45
CA LYS A 366 -25.12 -6.47 17.88
C LYS A 366 -26.34 -7.36 18.18
N SER A 367 -27.32 -7.33 17.28
CA SER A 367 -28.54 -8.13 17.43
C SER A 367 -28.33 -9.60 17.04
N GLY A 368 -27.23 -9.88 16.36
CA GLY A 368 -26.95 -11.21 15.86
C GLY A 368 -27.32 -11.35 14.39
N ALA A 369 -27.94 -10.32 13.84
CA ALA A 369 -28.30 -10.31 12.42
C ALA A 369 -27.08 -10.12 11.53
N ARG A 370 -27.05 -10.86 10.44
CA ARG A 370 -26.07 -10.64 9.39
C ARG A 370 -26.40 -9.30 8.73
N VAL A 371 -25.39 -8.49 8.46
CA VAL A 371 -25.61 -7.25 7.72
C VAL A 371 -26.15 -7.53 6.32
N ASP A 372 -27.07 -6.68 5.87
CA ASP A 372 -27.57 -6.72 4.50
C ASP A 372 -27.19 -5.41 3.80
N HIS A 373 -26.03 -4.88 4.20
CA HIS A 373 -25.48 -3.65 3.68
C HIS A 373 -23.97 -3.75 3.79
N GLN A 374 -23.26 -2.83 3.14
CA GLN A 374 -21.81 -2.78 3.22
C GLN A 374 -21.34 -2.30 4.58
N THR A 375 -20.21 -2.86 5.03
CA THR A 375 -19.50 -2.30 6.18
C THR A 375 -18.20 -1.67 5.70
N GLY A 376 -17.11 -1.86 6.46
CA GLY A 376 -15.87 -1.13 6.25
C GLY A 376 -15.28 -1.20 4.85
N PRO A 377 -14.65 -0.10 4.40
CA PRO A 377 -14.07 -0.05 3.06
C PRO A 377 -12.66 -0.62 3.03
N ILE A 378 -12.16 -0.87 1.81
CA ILE A 378 -10.75 -1.20 1.61
C ILE A 378 -9.95 0.10 1.61
N VAL A 379 -9.02 0.21 2.55
CA VAL A 379 -8.19 1.40 2.71
C VAL A 379 -6.87 1.18 2.00
N TRP A 380 -6.41 2.20 1.28
CA TRP A 380 -5.17 2.08 0.51
C TRP A 380 -4.59 3.46 0.24
N GLY A 381 -3.39 3.51 -0.33
CA GLY A 381 -2.77 4.76 -0.72
C GLY A 381 -1.27 4.76 -0.59
N GLU A 382 -0.64 5.73 -1.26
CA GLU A 382 0.78 6.04 -1.12
C GLU A 382 0.88 7.54 -0.94
N PRO A 383 1.92 8.04 -0.28
CA PRO A 383 2.07 9.49 -0.10
C PRO A 383 2.24 10.22 -1.43
N GLY A 384 1.71 11.43 -1.53
CA GLY A 384 2.00 12.29 -2.66
C GLY A 384 3.40 12.88 -2.51
N THR A 385 4.12 13.11 -3.60
CA THR A 385 3.63 12.89 -4.98
C THR A 385 3.89 11.48 -5.53
N ASN A 386 4.43 10.57 -4.71
CA ASN A 386 4.69 9.20 -5.19
C ASN A 386 3.44 8.54 -5.78
N GLY A 387 2.36 8.49 -5.00
CA GLY A 387 1.13 7.88 -5.47
C GLY A 387 0.58 8.60 -6.69
N GLN A 388 0.76 9.92 -6.69
CA GLN A 388 0.35 10.75 -7.80
C GLN A 388 0.90 10.29 -9.15
N HIS A 389 2.16 9.87 -9.16
CA HIS A 389 2.82 9.41 -10.38
C HIS A 389 2.72 7.90 -10.59
N ALA A 390 1.93 7.22 -9.77
CA ALA A 390 1.72 5.79 -9.93
C ALA A 390 0.32 5.47 -10.43
N PHE A 391 -0.69 5.93 -9.70
CA PHE A 391 -2.05 5.43 -9.92
C PHE A 391 -3.15 6.47 -10.10
N TYR A 392 -2.81 7.75 -10.10
CA TYR A 392 -3.86 8.77 -10.21
C TYR A 392 -4.55 8.75 -11.56
N GLN A 393 -3.90 8.20 -12.58
CA GLN A 393 -4.54 7.96 -13.88
C GLN A 393 -5.91 7.31 -13.70
N LEU A 394 -5.97 6.30 -12.84
CA LEU A 394 -7.21 5.57 -12.61
C LEU A 394 -8.21 6.40 -11.81
N ILE A 395 -7.73 7.18 -10.85
CA ILE A 395 -8.60 8.03 -10.06
C ILE A 395 -9.27 9.09 -10.95
N HIS A 396 -8.52 9.63 -11.90
CA HIS A 396 -9.02 10.66 -12.82
C HIS A 396 -9.88 10.14 -13.97
N GLN A 397 -9.48 9.00 -14.55
CA GLN A 397 -10.08 8.53 -15.81
C GLN A 397 -10.46 7.06 -15.83
N GLY A 398 -10.47 6.41 -14.67
CA GLY A 398 -10.97 5.04 -14.57
C GLY A 398 -12.48 4.99 -14.40
N THR A 399 -12.98 3.83 -13.98
CA THR A 399 -14.42 3.60 -13.87
C THR A 399 -14.90 3.38 -12.43
N LYS A 400 -14.07 3.79 -11.47
CA LYS A 400 -14.36 3.63 -10.05
C LYS A 400 -14.51 4.99 -9.40
N MET A 401 -15.47 5.10 -8.48
CA MET A 401 -15.57 6.25 -7.61
C MET A 401 -14.75 5.96 -6.35
N ILE A 402 -13.79 6.83 -6.05
CA ILE A 402 -12.84 6.60 -4.97
C ILE A 402 -12.75 7.83 -4.07
N PRO A 403 -13.44 7.81 -2.94
CA PRO A 403 -13.27 8.88 -1.95
C PRO A 403 -11.81 8.95 -1.51
N CYS A 404 -11.23 10.15 -1.53
CA CYS A 404 -9.83 10.35 -1.17
C CYS A 404 -9.69 11.39 -0.08
N ASP A 405 -8.88 11.09 0.92
CA ASP A 405 -8.46 12.11 1.87
C ASP A 405 -7.05 12.53 1.51
N PHE A 406 -6.88 13.81 1.16
CA PHE A 406 -5.57 14.41 0.93
C PHE A 406 -5.15 15.11 2.22
N LEU A 407 -3.94 14.81 2.70
CA LEU A 407 -3.44 15.42 3.94
C LEU A 407 -2.08 16.08 3.70
N ILE A 408 -1.83 17.23 4.34
CA ILE A 408 -0.52 17.88 4.23
C ILE A 408 -0.27 18.84 5.40
N PRO A 409 0.97 18.90 5.90
CA PRO A 409 1.38 20.00 6.77
C PRO A 409 1.73 21.27 5.98
N VAL A 410 1.30 22.43 6.49
CA VAL A 410 1.66 23.71 5.89
C VAL A 410 3.18 23.92 5.97
N GLN A 411 3.74 23.63 7.15
CA GLN A 411 5.16 23.78 7.39
C GLN A 411 5.88 22.45 7.25
N THR A 412 6.91 22.43 6.41
CA THR A 412 7.74 21.26 6.22
C THR A 412 8.85 21.21 7.28
N GLN A 413 9.26 20.00 7.62
CA GLN A 413 10.41 19.78 8.52
C GLN A 413 11.74 20.11 7.82
N HIS A 414 11.71 20.20 6.50
CA HIS A 414 12.92 20.43 5.70
C HIS A 414 12.70 21.49 4.63
N PRO A 415 12.70 22.76 5.03
CA PRO A 415 12.43 23.87 4.10
C PRO A 415 13.66 24.20 3.24
N ILE A 416 14.13 23.18 2.52
CA ILE A 416 15.30 23.31 1.67
C ILE A 416 15.02 24.16 0.42
N ARG A 417 16.08 24.63 -0.22
CA ARG A 417 15.95 25.48 -1.42
C ARG A 417 15.00 26.66 -1.19
N LYS A 418 15.09 27.27 -0.02
CA LYS A 418 14.23 28.42 0.37
C LYS A 418 12.73 28.14 0.21
N GLY A 419 12.34 26.89 0.42
CA GLY A 419 10.95 26.48 0.36
C GLY A 419 10.46 25.96 -0.98
N LEU A 420 11.36 25.84 -1.95
CA LEU A 420 10.99 25.48 -3.33
C LEU A 420 10.30 24.11 -3.43
N HIS A 421 10.87 23.11 -2.77
CA HIS A 421 10.29 21.77 -2.79
C HIS A 421 8.87 21.75 -2.20
N HIS A 422 8.70 22.39 -1.05
CA HIS A 422 7.41 22.42 -0.40
C HIS A 422 6.37 23.23 -1.16
N LYS A 423 6.82 24.28 -1.86
CA LYS A 423 5.92 25.04 -2.74
C LYS A 423 5.33 24.13 -3.81
N ILE A 424 6.19 23.34 -4.45
CA ILE A 424 5.75 22.42 -5.49
C ILE A 424 4.83 21.36 -4.91
N LEU A 425 5.22 20.83 -3.74
CA LEU A 425 4.41 19.82 -3.05
C LEU A 425 3.01 20.34 -2.74
N LEU A 426 2.94 21.52 -2.13
CA LEU A 426 1.66 22.18 -1.85
C LEU A 426 0.84 22.43 -3.11
N ALA A 427 1.47 22.95 -4.16
CA ALA A 427 0.77 23.19 -5.43
C ALA A 427 0.10 21.94 -5.98
N ASN A 428 0.79 20.80 -5.89
CA ASN A 428 0.24 19.54 -6.37
C ASN A 428 -0.88 19.01 -5.47
N PHE A 429 -0.69 19.14 -4.16
CA PHE A 429 -1.73 18.79 -3.19
C PHE A 429 -3.04 19.50 -3.52
N LEU A 430 -2.93 20.80 -3.80
CA LEU A 430 -4.09 21.65 -4.08
C LEU A 430 -4.68 21.36 -5.46
N ALA A 431 -3.80 21.22 -6.45
CA ALA A 431 -4.23 21.06 -7.85
C ALA A 431 -4.94 19.75 -8.09
N GLN A 432 -4.50 18.69 -7.42
CA GLN A 432 -5.09 17.37 -7.64
C GLN A 432 -6.55 17.31 -7.21
N THR A 433 -6.89 17.88 -6.06
CA THR A 433 -8.29 17.89 -5.61
C THR A 433 -9.11 18.86 -6.46
N GLU A 434 -8.48 19.97 -6.85
CA GLU A 434 -9.10 20.89 -7.80
C GLU A 434 -9.43 20.17 -9.11
N ALA A 435 -8.47 19.41 -9.63
CA ALA A 435 -8.64 18.67 -10.89
C ALA A 435 -9.71 17.60 -10.78
N LEU A 436 -9.69 16.84 -9.69
CA LEU A 436 -10.67 15.79 -9.46
C LEU A 436 -12.09 16.35 -9.38
N MET A 437 -12.22 17.53 -8.77
CA MET A 437 -13.50 18.22 -8.66
C MET A 437 -13.96 18.75 -10.02
N LYS A 438 -13.09 19.51 -10.67
CA LYS A 438 -13.46 20.31 -11.84
C LYS A 438 -13.60 19.49 -13.13
N GLY A 439 -12.65 18.58 -13.34
CA GLY A 439 -12.54 17.89 -14.62
C GLY A 439 -12.24 18.84 -15.77
N LYS A 440 -12.51 18.36 -16.98
CA LYS A 440 -12.28 19.13 -18.21
C LYS A 440 -13.31 18.70 -19.24
N LEU A 441 -14.19 19.63 -19.59
CA LEU A 441 -15.29 19.35 -20.50
C LEU A 441 -14.80 19.13 -21.93
N PRO A 442 -15.55 18.38 -22.74
CA PRO A 442 -15.21 18.22 -24.16
C PRO A 442 -14.88 19.55 -24.86
N GLU A 443 -15.70 20.58 -24.65
CA GLU A 443 -15.45 21.87 -25.29
C GLU A 443 -14.16 22.53 -24.85
N GLU A 444 -13.80 22.32 -23.59
CA GLU A 444 -12.53 22.83 -23.04
C GLU A 444 -11.33 22.10 -23.64
N ALA A 445 -11.42 20.77 -23.73
CA ALA A 445 -10.39 19.96 -24.36
C ALA A 445 -10.26 20.27 -25.86
N ARG A 446 -11.41 20.49 -26.51
CA ARG A 446 -11.44 20.83 -27.94
C ARG A 446 -10.62 22.10 -28.21
N LYS A 447 -10.85 23.13 -27.40
CA LYS A 447 -10.15 24.40 -27.53
C LYS A 447 -8.64 24.25 -27.34
N GLU A 448 -8.25 23.38 -26.41
CA GLU A 448 -6.83 23.10 -26.18
C GLU A 448 -6.17 22.44 -27.37
N LEU A 449 -6.86 21.46 -27.96
CA LEU A 449 -6.36 20.76 -29.14
C LEU A 449 -6.29 21.68 -30.35
N GLN A 450 -7.32 22.52 -30.49
CA GLN A 450 -7.38 23.57 -31.51
C GLN A 450 -6.13 24.46 -31.43
N ALA A 451 -5.83 24.93 -30.22
CA ALA A 451 -4.68 25.82 -29.98
C ALA A 451 -3.34 25.14 -30.25
N ALA A 452 -3.28 23.84 -30.03
CA ALA A 452 -2.08 23.05 -30.29
C ALA A 452 -1.81 22.84 -31.78
N GLY A 453 -2.79 23.20 -32.62
CA GLY A 453 -2.65 23.12 -34.05
C GLY A 453 -2.96 21.75 -34.63
N LYS A 454 -3.82 21.01 -33.95
CA LYS A 454 -4.23 19.70 -34.42
C LYS A 454 -5.19 19.82 -35.60
N SER A 455 -4.98 18.99 -36.62
CA SER A 455 -5.92 18.90 -37.74
C SER A 455 -7.29 18.42 -37.25
N PRO A 456 -8.35 18.74 -37.99
CA PRO A 456 -9.69 18.23 -37.65
C PRO A 456 -9.71 16.73 -37.35
N GLU A 457 -9.03 15.93 -38.18
CA GLU A 457 -8.97 14.49 -37.98
C GLU A 457 -8.24 14.10 -36.69
N ASP A 458 -7.07 14.68 -36.46
CA ASP A 458 -6.26 14.38 -35.28
C ASP A 458 -6.95 14.85 -33.99
N LEU A 459 -7.57 16.02 -34.05
CA LEU A 459 -8.33 16.57 -32.93
C LEU A 459 -9.45 15.64 -32.54
N GLU A 460 -10.22 15.20 -33.54
CA GLU A 460 -11.37 14.31 -33.34
C GLU A 460 -10.93 12.96 -32.78
N LYS A 461 -9.80 12.46 -33.26
CA LYS A 461 -9.22 11.20 -32.79
C LYS A 461 -8.86 11.25 -31.31
N LEU A 462 -8.27 12.37 -30.90
CA LEU A 462 -7.72 12.53 -29.56
C LEU A 462 -8.70 13.06 -28.53
N LEU A 463 -9.70 13.81 -28.99
CA LEU A 463 -10.62 14.52 -28.10
C LEU A 463 -11.17 13.74 -26.89
N PRO A 464 -11.88 12.62 -27.11
CA PRO A 464 -12.53 11.91 -26.00
C PRO A 464 -11.54 11.48 -24.92
N HIS A 465 -10.32 11.14 -25.35
CA HIS A 465 -9.25 10.70 -24.45
C HIS A 465 -8.76 11.82 -23.53
N LYS A 466 -9.00 13.06 -23.93
CA LYS A 466 -8.52 14.24 -23.20
C LYS A 466 -9.56 14.82 -22.24
N VAL A 467 -10.75 14.23 -22.24
CA VAL A 467 -11.84 14.70 -21.40
C VAL A 467 -11.68 14.14 -19.99
N PHE A 468 -11.86 15.00 -18.99
CA PHE A 468 -11.90 14.56 -17.60
C PHE A 468 -13.31 14.78 -17.10
N GLU A 469 -14.00 13.70 -16.73
CA GLU A 469 -15.38 13.83 -16.28
C GLU A 469 -15.51 14.59 -14.96
N GLY A 470 -14.47 14.55 -14.14
CA GLY A 470 -14.46 15.26 -12.87
C GLY A 470 -15.54 14.77 -11.92
N ASN A 471 -16.03 15.66 -11.07
CA ASN A 471 -17.02 15.33 -10.05
C ASN A 471 -16.55 14.23 -9.10
N ARG A 472 -15.23 14.16 -8.91
CA ARG A 472 -14.64 13.17 -8.03
C ARG A 472 -14.34 13.81 -6.67
N PRO A 473 -15.03 13.34 -5.63
CA PRO A 473 -15.00 14.02 -4.32
C PRO A 473 -13.78 13.71 -3.47
N THR A 474 -13.32 14.73 -2.75
CA THR A 474 -12.18 14.60 -1.84
C THR A 474 -12.40 15.35 -0.55
N ASN A 475 -11.68 14.91 0.48
CA ASN A 475 -11.45 15.70 1.68
C ASN A 475 -10.04 16.25 1.60
N SER A 476 -9.85 17.49 2.03
CA SER A 476 -8.50 18.04 2.22
C SER A 476 -8.30 18.34 3.69
N ILE A 477 -7.29 17.71 4.28
CA ILE A 477 -6.97 17.90 5.69
C ILE A 477 -5.59 18.51 5.79
N VAL A 478 -5.55 19.77 6.23
CA VAL A 478 -4.34 20.58 6.24
C VAL A 478 -4.09 21.04 7.68
N PHE A 479 -2.85 20.94 8.12
CA PHE A 479 -2.50 21.24 9.51
C PHE A 479 -1.21 22.04 9.54
N THR A 480 -1.04 22.83 10.60
CA THR A 480 0.08 23.79 10.67
C THR A 480 1.43 23.12 10.42
N LYS A 481 1.67 22.01 11.12
CA LYS A 481 2.92 21.28 11.01
C LYS A 481 2.68 19.88 11.56
N LEU A 482 3.42 18.90 11.06
CA LEU A 482 3.31 17.55 11.63
C LEU A 482 4.25 17.37 12.82
N THR A 483 3.82 17.91 13.96
CA THR A 483 4.48 17.75 15.25
C THR A 483 3.96 16.47 15.89
N PRO A 484 4.61 15.99 16.95
CA PRO A 484 4.05 14.89 17.75
C PRO A 484 2.59 15.16 18.17
N PHE A 485 2.31 16.36 18.69
CA PHE A 485 0.95 16.72 19.10
C PHE A 485 -0.06 16.61 17.95
N ILE A 486 0.25 17.25 16.83
CA ILE A 486 -0.67 17.24 15.69
C ILE A 486 -0.87 15.82 15.15
N LEU A 487 0.22 15.05 15.08
CA LEU A 487 0.11 13.66 14.63
C LEU A 487 -0.83 12.86 15.54
N GLY A 488 -0.68 13.04 16.85
CA GLY A 488 -1.55 12.39 17.81
C GLY A 488 -3.02 12.75 17.60
N ALA A 489 -3.29 14.03 17.35
CA ALA A 489 -4.64 14.48 17.07
C ALA A 489 -5.21 13.85 15.79
N LEU A 490 -4.38 13.74 14.76
CA LEU A 490 -4.80 13.18 13.48
C LEU A 490 -5.12 11.70 13.57
N ILE A 491 -4.29 10.94 14.28
CA ILE A 491 -4.51 9.51 14.45
C ILE A 491 -5.82 9.29 15.23
N ALA A 492 -5.98 10.00 16.34
CA ALA A 492 -7.20 9.91 17.15
C ALA A 492 -8.44 10.29 16.36
N MET A 493 -8.31 11.28 15.47
CA MET A 493 -9.44 11.71 14.64
C MET A 493 -9.98 10.55 13.80
N TYR A 494 -9.08 9.83 13.13
CA TYR A 494 -9.47 8.65 12.36
C TYR A 494 -9.95 7.50 13.24
N GLU A 495 -9.37 7.34 14.43
CA GLU A 495 -9.86 6.32 15.36
C GLU A 495 -11.35 6.55 15.64
N HIS A 496 -11.70 7.81 15.89
CA HIS A 496 -13.08 8.14 16.22
C HIS A 496 -14.02 8.08 15.01
N LYS A 497 -13.50 8.40 13.83
CA LYS A 497 -14.25 8.20 12.58
C LYS A 497 -14.65 6.74 12.48
N ILE A 498 -13.68 5.86 12.70
CA ILE A 498 -13.89 4.42 12.62
C ILE A 498 -14.93 3.96 13.65
N PHE A 499 -14.85 4.51 14.86
CA PHE A 499 -15.81 4.22 15.91
C PHE A 499 -17.23 4.60 15.47
N VAL A 500 -17.40 5.82 14.97
CA VAL A 500 -18.72 6.31 14.58
C VAL A 500 -19.32 5.41 13.49
N GLN A 501 -18.51 5.04 12.51
CA GLN A 501 -19.01 4.19 11.42
C GLN A 501 -19.45 2.83 11.96
N GLY A 502 -18.65 2.26 12.86
CA GLY A 502 -18.97 1.00 13.50
C GLY A 502 -20.30 1.02 14.24
N ILE A 503 -20.53 2.08 15.03
CA ILE A 503 -21.79 2.22 15.77
C ILE A 503 -22.97 2.30 14.79
N MET A 504 -22.80 3.09 13.75
CA MET A 504 -23.87 3.26 12.76
C MET A 504 -24.20 1.96 12.01
N TRP A 505 -23.18 1.14 11.76
CA TRP A 505 -23.37 -0.17 11.15
C TRP A 505 -23.85 -1.24 12.13
N ASP A 506 -23.88 -0.90 13.41
CA ASP A 506 -24.28 -1.82 14.49
C ASP A 506 -23.35 -3.01 14.63
N ILE A 507 -22.08 -2.81 14.30
CA ILE A 507 -21.08 -3.87 14.40
C ILE A 507 -20.14 -3.59 15.56
N ASN A 508 -19.33 -4.59 15.89
CA ASN A 508 -18.33 -4.45 16.93
C ASN A 508 -16.99 -4.06 16.31
N SER A 509 -16.59 -2.80 16.49
CA SER A 509 -15.34 -2.31 15.91
C SER A 509 -14.09 -2.85 16.63
N PHE A 510 -14.28 -3.62 17.70
CA PHE A 510 -13.20 -3.86 18.65
C PHE A 510 -12.78 -5.30 18.88
N ASP A 511 -13.44 -6.22 18.20
CA ASP A 511 -13.02 -7.62 18.16
C ASP A 511 -12.36 -7.93 16.82
N GLN A 512 -11.90 -9.17 16.65
CA GLN A 512 -11.30 -9.61 15.39
C GLN A 512 -11.30 -11.13 15.30
N TRP A 513 -12.49 -11.70 15.24
CA TRP A 513 -12.65 -13.15 15.17
C TRP A 513 -12.16 -13.72 13.85
N GLY A 514 -12.04 -12.86 12.85
CA GLY A 514 -11.68 -13.27 11.51
C GLY A 514 -10.26 -13.74 11.30
N VAL A 515 -9.41 -13.59 12.31
CA VAL A 515 -8.01 -14.01 12.23
C VAL A 515 -7.79 -15.46 12.71
N GLU A 516 -8.80 -16.03 13.37
CA GLU A 516 -8.65 -17.32 14.03
C GLU A 516 -8.45 -18.50 13.06
N LEU A 517 -9.27 -18.55 12.01
CA LEU A 517 -9.28 -19.73 11.13
C LEU A 517 -7.92 -19.98 10.46
N GLY A 518 -7.33 -18.91 9.92
CA GLY A 518 -6.01 -19.00 9.30
C GLY A 518 -4.95 -19.53 10.24
N LYS A 519 -4.99 -19.09 11.51
CA LYS A 519 -4.04 -19.58 12.52
C LYS A 519 -4.20 -21.09 12.73
N GLN A 520 -5.44 -21.53 12.87
CA GLN A 520 -5.75 -22.95 13.09
C GLN A 520 -5.25 -23.83 11.96
N LEU A 521 -5.54 -23.41 10.72
CA LEU A 521 -5.17 -24.19 9.55
C LEU A 521 -3.66 -24.22 9.32
N ALA A 522 -2.96 -23.15 9.71
CA ALA A 522 -1.51 -23.09 9.56
C ALA A 522 -0.81 -24.06 10.52
N LYS A 523 -1.35 -24.18 11.72
CA LYS A 523 -0.81 -25.12 12.71
C LYS A 523 -0.90 -26.56 12.23
N LYS A 524 -1.96 -26.88 11.48
CA LYS A 524 -2.15 -28.23 10.93
C LYS A 524 -1.17 -28.53 9.80
N ILE A 525 -0.87 -27.52 8.99
CA ILE A 525 -0.01 -27.69 7.83
C ILE A 525 1.47 -27.76 8.18
N GLU A 526 1.86 -27.05 9.25
CA GLU A 526 3.25 -26.96 9.68
C GLU A 526 4.02 -28.30 9.66
N PRO A 527 3.55 -29.31 10.41
CA PRO A 527 4.27 -30.59 10.47
C PRO A 527 4.20 -31.41 9.18
N GLU A 528 3.22 -31.12 8.32
CA GLU A 528 3.06 -31.84 7.06
C GLU A 528 4.13 -31.50 6.03
N LEU A 529 4.77 -30.35 6.20
CA LEU A 529 5.80 -29.91 5.28
C LEU A 529 7.10 -30.71 5.45
N GLU A 530 7.32 -31.22 6.66
CA GLU A 530 8.46 -32.08 6.98
C GLU A 530 8.44 -33.37 6.16
N GLY A 531 9.60 -33.78 5.68
CA GLY A 531 9.74 -35.05 4.96
C GLY A 531 9.28 -35.01 3.52
N SER A 532 9.49 -36.11 2.81
CA SER A 532 9.26 -36.15 1.37
C SER A 532 7.93 -36.77 0.94
N SER A 533 7.17 -37.32 1.89
CA SER A 533 5.92 -38.01 1.59
C SER A 533 4.79 -37.06 1.17
N ALA A 534 3.93 -37.53 0.28
CA ALA A 534 2.82 -36.74 -0.24
C ALA A 534 1.75 -36.50 0.81
N VAL A 535 1.15 -35.32 0.77
CA VAL A 535 0.05 -34.95 1.65
C VAL A 535 -1.27 -35.05 0.88
N THR A 536 -2.25 -35.72 1.47
CA THR A 536 -3.53 -35.98 0.82
C THR A 536 -4.72 -35.55 1.69
N SER A 537 -4.40 -34.92 2.83
CA SER A 537 -5.41 -34.60 3.85
C SER A 537 -6.33 -33.41 3.52
N HIS A 538 -5.90 -32.57 2.59
CA HIS A 538 -6.65 -31.34 2.27
C HIS A 538 -7.36 -31.44 0.92
N ASP A 539 -7.93 -30.32 0.48
CA ASP A 539 -8.42 -30.17 -0.88
C ASP A 539 -7.24 -30.34 -1.85
N SER A 540 -7.54 -30.60 -3.12
CA SER A 540 -6.48 -30.94 -4.09
C SER A 540 -5.51 -29.80 -4.40
N SER A 541 -5.94 -28.55 -4.20
CA SER A 541 -5.05 -27.39 -4.38
C SER A 541 -4.02 -27.33 -3.26
N THR A 542 -4.49 -27.33 -2.01
CA THR A 542 -3.58 -27.35 -0.87
C THR A 542 -2.60 -28.52 -0.99
N ASN A 543 -3.12 -29.72 -1.27
CA ASN A 543 -2.28 -30.89 -1.50
C ASN A 543 -1.25 -30.67 -2.60
N GLY A 544 -1.72 -30.12 -3.72
CA GLY A 544 -0.89 -29.93 -4.90
C GLY A 544 0.21 -28.90 -4.68
N LEU A 545 -0.12 -27.84 -3.96
CA LEU A 545 0.85 -26.80 -3.61
C LEU A 545 1.93 -27.36 -2.69
N ILE A 546 1.51 -28.16 -1.70
CA ILE A 546 2.46 -28.84 -0.81
C ILE A 546 3.37 -29.78 -1.62
N SER A 547 2.79 -30.53 -2.55
CA SER A 547 3.58 -31.39 -3.43
C SER A 547 4.65 -30.60 -4.19
N PHE A 548 4.27 -29.42 -4.71
CA PHE A 548 5.19 -28.54 -5.42
C PHE A 548 6.32 -28.08 -4.52
N ILE A 549 5.98 -27.66 -3.30
CA ILE A 549 6.98 -27.23 -2.32
C ILE A 549 7.99 -28.35 -2.08
N LYS A 550 7.48 -29.57 -1.86
CA LYS A 550 8.37 -30.70 -1.57
C LYS A 550 9.26 -31.06 -2.75
N GLN A 551 8.71 -30.97 -3.96
CA GLN A 551 9.45 -31.31 -5.17
C GLN A 551 10.49 -30.25 -5.54
N GLN A 552 10.24 -29.01 -5.16
CA GLN A 552 11.07 -27.89 -5.60
C GLN A 552 12.12 -27.42 -4.61
N ARG A 553 12.03 -27.85 -3.35
CA ARG A 553 12.87 -27.28 -2.31
C ARG A 553 14.35 -27.70 -2.32
N ASP A 554 14.68 -28.74 -3.07
CA ASP A 554 16.07 -29.22 -3.16
C ASP A 554 16.78 -28.84 -4.47
N THR A 555 16.09 -28.11 -5.35
CA THR A 555 16.67 -27.71 -6.63
C THR A 555 17.70 -26.61 -6.46
N LYS A 556 18.89 -26.82 -7.01
CA LYS A 556 20.00 -25.86 -6.87
C LYS A 556 19.86 -24.67 -7.82
N LEU A 557 19.64 -23.50 -7.24
CA LEU A 557 19.62 -22.23 -7.96
C LEU A 557 20.39 -21.18 -7.17
N MET B 1 -23.35 0.97 -27.10
CA MET B 1 -22.53 0.37 -26.02
C MET B 1 -21.04 0.43 -26.41
N ALA B 2 -20.29 -0.59 -26.02
CA ALA B 2 -18.85 -0.63 -26.30
C ALA B 2 -18.47 -1.99 -26.88
N ALA B 3 -17.25 -2.11 -27.41
CA ALA B 3 -16.82 -3.35 -28.04
C ALA B 3 -17.04 -4.58 -27.14
N LEU B 4 -16.65 -4.48 -25.87
CA LEU B 4 -16.77 -5.63 -24.97
C LEU B 4 -18.23 -6.03 -24.74
N THR B 5 -19.08 -5.05 -24.42
CA THR B 5 -20.46 -5.34 -24.07
C THR B 5 -21.31 -5.74 -25.27
N ARG B 6 -20.87 -5.36 -26.46
CA ARG B 6 -21.53 -5.76 -27.72
C ARG B 6 -21.05 -7.13 -28.23
N ASN B 7 -20.07 -7.70 -27.54
CA ASN B 7 -19.49 -8.98 -27.93
C ASN B 7 -20.38 -10.14 -27.44
N PRO B 8 -20.79 -11.03 -28.34
CA PRO B 8 -21.71 -12.12 -27.96
C PRO B 8 -21.10 -13.13 -26.98
N GLN B 9 -19.79 -13.35 -27.04
CA GLN B 9 -19.12 -14.22 -26.06
C GLN B 9 -19.16 -13.59 -24.66
N PHE B 10 -19.08 -12.26 -24.59
CA PHE B 10 -19.23 -11.58 -23.31
C PHE B 10 -20.66 -11.66 -22.79
N GLN B 11 -21.62 -11.46 -23.70
CA GLN B 11 -23.03 -11.52 -23.33
C GLN B 11 -23.38 -12.90 -22.77
N LYS B 12 -22.89 -13.96 -23.42
CA LYS B 12 -23.10 -15.33 -22.99
C LYS B 12 -22.50 -15.57 -21.59
N LEU B 13 -21.28 -15.07 -21.39
CA LEU B 13 -20.60 -15.17 -20.10
C LEU B 13 -21.38 -14.47 -18.99
N LEU B 14 -21.81 -13.24 -19.26
CA LEU B 14 -22.59 -12.46 -18.31
C LEU B 14 -23.93 -13.11 -17.99
N GLU B 15 -24.59 -13.65 -19.01
CA GLU B 15 -25.85 -14.36 -18.83
C GLU B 15 -25.67 -15.62 -17.98
N TRP B 16 -24.59 -16.34 -18.22
CA TRP B 16 -24.28 -17.54 -17.45
C TRP B 16 -24.03 -17.19 -15.99
N HIS B 17 -23.27 -16.13 -15.77
CA HIS B 17 -23.00 -15.63 -14.41
C HIS B 17 -24.30 -15.31 -13.68
N ARG B 18 -25.19 -14.57 -14.35
CA ARG B 18 -26.49 -14.19 -13.81
C ARG B 18 -27.31 -15.41 -13.37
N ALA B 19 -27.29 -16.44 -14.20
CA ALA B 19 -28.10 -17.63 -13.97
C ALA B 19 -27.47 -18.65 -13.01
N ASN B 20 -26.14 -18.73 -13.01
CA ASN B 20 -25.44 -19.86 -12.39
C ASN B 20 -24.40 -19.56 -11.31
N SER B 21 -23.90 -18.31 -11.25
CA SER B 21 -22.77 -18.01 -10.36
C SER B 21 -23.08 -18.24 -8.88
N ALA B 22 -24.31 -17.96 -8.46
CA ALA B 22 -24.75 -18.20 -7.09
C ALA B 22 -24.57 -19.66 -6.64
N ASN B 23 -24.58 -20.57 -7.62
CA ASN B 23 -24.42 -22.00 -7.35
C ASN B 23 -22.98 -22.46 -7.24
N LEU B 24 -22.05 -21.58 -7.63
CA LEU B 24 -20.63 -21.91 -7.57
C LEU B 24 -20.13 -21.81 -6.14
N LYS B 25 -19.73 -22.96 -5.60
CA LYS B 25 -19.20 -23.04 -4.26
C LYS B 25 -17.88 -23.79 -4.30
N LEU B 26 -16.80 -23.12 -3.89
CA LEU B 26 -15.46 -23.70 -3.96
C LEU B 26 -15.37 -25.06 -3.29
N ARG B 27 -15.91 -25.16 -2.08
CA ARG B 27 -15.96 -26.42 -1.33
C ARG B 27 -16.50 -27.56 -2.22
N GLU B 28 -17.62 -27.29 -2.88
CA GLU B 28 -18.31 -28.26 -3.72
C GLU B 28 -17.56 -28.59 -5.00
N LEU B 29 -16.93 -27.59 -5.59
CA LEU B 29 -16.15 -27.78 -6.83
C LEU B 29 -15.00 -28.75 -6.62
N PHE B 30 -14.32 -28.63 -5.47
CA PHE B 30 -13.20 -29.50 -5.15
C PHE B 30 -13.66 -30.90 -4.75
N GLU B 31 -14.79 -30.98 -4.06
CA GLU B 31 -15.35 -32.26 -3.63
C GLU B 31 -15.80 -33.11 -4.80
N ALA B 32 -16.35 -32.45 -5.82
CA ALA B 32 -16.90 -33.14 -6.99
C ALA B 32 -15.85 -33.63 -7.97
N ASP B 33 -14.61 -33.15 -7.85
CA ASP B 33 -13.59 -33.39 -8.86
C ASP B 33 -12.18 -33.41 -8.25
N PRO B 34 -11.65 -34.60 -7.96
CA PRO B 34 -10.32 -34.72 -7.34
C PRO B 34 -9.21 -34.28 -8.29
N GLU B 35 -9.54 -34.12 -9.57
CA GLU B 35 -8.58 -33.64 -10.57
C GLU B 35 -8.59 -32.11 -10.70
N ARG B 36 -9.31 -31.42 -9.82
CA ARG B 36 -9.46 -29.96 -9.95
C ARG B 36 -8.12 -29.22 -9.98
N PHE B 37 -7.24 -29.50 -9.02
CA PHE B 37 -5.93 -28.87 -9.01
C PHE B 37 -5.19 -29.13 -10.33
N ASN B 38 -5.17 -30.39 -10.77
CA ASN B 38 -4.47 -30.77 -11.99
C ASN B 38 -4.99 -30.01 -13.22
N ASN B 39 -6.29 -29.82 -13.27
CA ASN B 39 -6.95 -29.24 -14.44
C ASN B 39 -6.98 -27.71 -14.42
N PHE B 40 -6.79 -27.11 -13.25
CA PHE B 40 -6.88 -25.65 -13.09
C PHE B 40 -5.59 -25.07 -12.51
N SER B 41 -4.46 -25.57 -13.00
CA SER B 41 -3.15 -25.05 -12.64
C SER B 41 -2.16 -25.25 -13.79
N LEU B 42 -1.11 -24.44 -13.78
CA LEU B 42 -0.05 -24.54 -14.77
C LEU B 42 1.28 -24.60 -14.06
N ASN B 43 2.00 -25.71 -14.26
CA ASN B 43 3.33 -25.89 -13.71
C ASN B 43 4.35 -25.59 -14.81
N LEU B 44 4.85 -24.36 -14.82
CA LEU B 44 5.74 -23.90 -15.87
C LEU B 44 7.18 -24.21 -15.53
N ASN B 45 7.83 -24.96 -16.41
CA ASN B 45 9.25 -25.24 -16.27
C ASN B 45 10.05 -24.31 -17.17
N THR B 46 10.74 -23.34 -16.56
CA THR B 46 11.51 -22.35 -17.31
C THR B 46 12.92 -22.81 -17.63
N ASN B 47 13.29 -23.99 -17.11
CA ASN B 47 14.67 -24.48 -17.14
C ASN B 47 15.61 -23.77 -16.16
N HIS B 48 15.09 -22.76 -15.48
CA HIS B 48 15.80 -22.04 -14.42
C HIS B 48 14.89 -21.92 -13.20
N GLY B 49 14.11 -22.96 -12.97
CA GLY B 49 13.13 -22.99 -11.89
C GLY B 49 11.72 -23.12 -12.42
N HIS B 50 10.82 -23.55 -11.54
CA HIS B 50 9.41 -23.71 -11.90
C HIS B 50 8.58 -22.57 -11.36
N ILE B 51 7.54 -22.19 -12.12
CA ILE B 51 6.52 -21.27 -11.65
C ILE B 51 5.19 -21.99 -11.73
N LEU B 52 4.59 -22.27 -10.57
CA LEU B 52 3.28 -22.88 -10.51
C LEU B 52 2.22 -21.80 -10.36
N VAL B 53 1.36 -21.68 -11.37
CA VAL B 53 0.22 -20.77 -11.32
C VAL B 53 -1.00 -21.62 -11.01
N ASP B 54 -1.36 -21.67 -9.73
CA ASP B 54 -2.51 -22.46 -9.28
C ASP B 54 -3.74 -21.56 -9.19
N TYR B 55 -4.63 -21.71 -10.16
CA TYR B 55 -5.86 -20.92 -10.20
C TYR B 55 -7.09 -21.74 -9.85
N SER B 56 -6.88 -22.88 -9.18
CA SER B 56 -7.98 -23.80 -8.88
C SER B 56 -8.95 -23.31 -7.80
N LYS B 57 -8.48 -22.46 -6.90
CA LYS B 57 -9.35 -21.91 -5.85
C LYS B 57 -10.13 -20.69 -6.36
N ASN B 58 -10.54 -20.74 -7.62
CA ASN B 58 -11.37 -19.69 -8.21
C ASN B 58 -12.78 -20.16 -8.50
N LEU B 59 -13.71 -19.21 -8.53
CA LEU B 59 -15.12 -19.51 -8.77
C LEU B 59 -15.36 -19.74 -10.26
N VAL B 60 -14.75 -20.81 -10.77
CA VAL B 60 -14.84 -21.16 -12.18
C VAL B 60 -15.00 -22.66 -12.36
N SER B 61 -15.73 -23.03 -13.42
CA SER B 61 -15.82 -24.41 -13.87
C SER B 61 -15.14 -24.50 -15.23
N LYS B 62 -15.02 -25.73 -15.74
CA LYS B 62 -14.49 -25.94 -17.09
C LYS B 62 -15.22 -25.07 -18.10
N GLU B 63 -16.55 -25.03 -17.97
CA GLU B 63 -17.40 -24.27 -18.89
C GLU B 63 -17.11 -22.77 -18.82
N VAL B 64 -16.88 -22.25 -17.61
CA VAL B 64 -16.57 -20.84 -17.43
C VAL B 64 -15.22 -20.50 -18.08
N MET B 65 -14.22 -21.35 -17.87
CA MET B 65 -12.91 -21.12 -18.46
C MET B 65 -12.98 -21.15 -19.99
N GLN B 66 -13.80 -22.06 -20.52
CA GLN B 66 -13.98 -22.16 -21.97
C GLN B 66 -14.62 -20.89 -22.53
N MET B 67 -15.64 -20.37 -21.85
CA MET B 67 -16.30 -19.14 -22.24
C MET B 67 -15.34 -17.94 -22.18
N LEU B 68 -14.49 -17.92 -21.16
CA LEU B 68 -13.51 -16.85 -21.02
C LEU B 68 -12.46 -16.88 -22.14
N VAL B 69 -11.93 -18.07 -22.42
CA VAL B 69 -10.96 -18.24 -23.51
C VAL B 69 -11.58 -17.84 -24.87
N GLU B 70 -12.82 -18.24 -25.09
CA GLU B 70 -13.54 -17.87 -26.31
C GLU B 70 -13.68 -16.35 -26.44
N LEU B 71 -13.94 -15.68 -25.31
CA LEU B 71 -14.01 -14.22 -25.27
C LEU B 71 -12.67 -13.56 -25.59
N ALA B 72 -11.57 -14.10 -25.05
CA ALA B 72 -10.25 -13.58 -25.40
C ALA B 72 -10.01 -13.65 -26.91
N LYS B 73 -10.36 -14.78 -27.51
CA LYS B 73 -10.17 -14.95 -28.95
C LYS B 73 -11.02 -13.95 -29.73
N SER B 74 -12.31 -13.85 -29.37
CA SER B 74 -13.23 -12.99 -30.11
C SER B 74 -13.06 -11.50 -29.81
N ARG B 75 -12.17 -11.17 -28.86
CA ARG B 75 -11.78 -9.78 -28.62
C ARG B 75 -10.45 -9.44 -29.30
N GLY B 76 -9.88 -10.41 -30.00
CA GLY B 76 -8.71 -10.18 -30.83
C GLY B 76 -7.37 -10.26 -30.11
N VAL B 77 -7.34 -10.96 -28.99
CA VAL B 77 -6.14 -11.05 -28.15
C VAL B 77 -4.93 -11.62 -28.89
N GLU B 78 -5.14 -12.68 -29.68
CA GLU B 78 -4.02 -13.29 -30.41
C GLU B 78 -3.41 -12.35 -31.44
N ALA B 79 -4.27 -11.66 -32.21
CA ALA B 79 -3.82 -10.71 -33.22
C ALA B 79 -3.14 -9.50 -32.57
N ALA B 80 -3.75 -8.96 -31.52
CA ALA B 80 -3.21 -7.81 -30.79
C ALA B 80 -1.82 -8.11 -30.23
N ARG B 81 -1.66 -9.29 -29.63
CA ARG B 81 -0.37 -9.71 -29.10
C ARG B 81 0.71 -9.76 -30.19
N ASP B 82 0.40 -10.37 -31.32
CA ASP B 82 1.35 -10.46 -32.42
C ASP B 82 1.73 -9.06 -32.91
N ASN B 83 0.76 -8.15 -32.93
CA ASN B 83 0.99 -6.76 -33.32
C ASN B 83 1.94 -6.05 -32.37
N MET B 84 1.80 -6.29 -31.07
CA MET B 84 2.75 -5.72 -30.11
C MET B 84 4.17 -6.22 -30.40
N PHE B 85 4.31 -7.53 -30.54
CA PHE B 85 5.61 -8.17 -30.71
C PHE B 85 6.31 -7.81 -32.03
N SER B 86 5.53 -7.42 -33.04
CA SER B 86 6.09 -7.12 -34.36
C SER B 86 6.42 -5.63 -34.55
N GLY B 87 6.12 -4.81 -33.55
CA GLY B 87 6.41 -3.39 -33.61
C GLY B 87 5.33 -2.53 -34.25
N SER B 88 4.13 -3.08 -34.41
CA SER B 88 2.97 -2.30 -34.83
C SER B 88 2.70 -1.21 -33.79
N LYS B 89 2.20 -0.07 -34.28
CA LYS B 89 1.99 1.09 -33.42
C LYS B 89 0.66 0.98 -32.66
N ILE B 90 0.62 0.04 -31.71
CA ILE B 90 -0.61 -0.30 -31.00
C ILE B 90 -1.00 0.71 -29.93
N ASN B 91 -0.06 1.58 -29.56
CA ASN B 91 -0.38 2.74 -28.73
C ASN B 91 -0.96 3.78 -29.67
N TYR B 92 -2.26 3.67 -29.94
CA TYR B 92 -2.89 4.39 -31.04
C TYR B 92 -3.18 5.86 -30.80
N THR B 93 -3.30 6.28 -29.54
CA THR B 93 -3.53 7.70 -29.26
C THR B 93 -2.25 8.51 -29.46
N GLU B 94 -1.10 7.87 -29.23
CA GLU B 94 0.18 8.55 -29.39
C GLU B 94 0.91 8.11 -30.68
N ASP B 95 0.32 7.15 -31.39
CA ASP B 95 0.90 6.57 -32.60
C ASP B 95 2.33 6.07 -32.34
N ARG B 96 2.46 5.16 -31.37
CA ARG B 96 3.75 4.62 -30.98
C ARG B 96 3.70 3.10 -30.92
N ALA B 97 4.86 2.48 -31.17
CA ALA B 97 5.04 1.07 -30.89
C ALA B 97 5.07 0.83 -29.39
N VAL B 98 4.94 -0.42 -28.99
CA VAL B 98 4.97 -0.80 -27.57
C VAL B 98 5.92 -1.99 -27.50
N LEU B 99 7.17 -1.71 -27.11
CA LEU B 99 8.25 -2.68 -27.31
C LEU B 99 9.16 -2.90 -26.11
N HIS B 100 8.57 -2.96 -24.91
CA HIS B 100 9.34 -3.42 -23.76
C HIS B 100 9.84 -4.85 -24.01
N VAL B 101 9.13 -5.62 -24.83
CA VAL B 101 9.60 -6.96 -25.19
C VAL B 101 10.92 -6.93 -25.97
N ALA B 102 11.15 -5.86 -26.73
CA ALA B 102 12.41 -5.72 -27.47
C ALA B 102 13.61 -5.54 -26.53
N LEU B 103 13.39 -4.83 -25.42
CA LEU B 103 14.45 -4.53 -24.45
C LEU B 103 15.10 -5.79 -23.90
N ARG B 104 14.30 -6.83 -23.73
CA ARG B 104 14.77 -8.10 -23.18
C ARG B 104 14.77 -9.23 -24.21
N ASN B 105 14.78 -8.86 -25.49
CA ASN B 105 14.77 -9.85 -26.58
C ASN B 105 16.15 -10.51 -26.73
N ARG B 106 16.40 -11.49 -25.87
CA ARG B 106 17.71 -12.15 -25.80
C ARG B 106 18.05 -12.93 -27.07
N SER B 107 17.03 -13.35 -27.82
CA SER B 107 17.20 -14.11 -29.05
C SER B 107 17.74 -13.25 -30.21
N ASN B 108 17.58 -11.94 -30.08
CA ASN B 108 18.02 -10.95 -31.07
C ASN B 108 17.36 -11.07 -32.44
N THR B 109 16.24 -11.78 -32.51
CA THR B 109 15.44 -11.82 -33.73
C THR B 109 15.01 -10.38 -34.02
N PRO B 110 15.22 -9.89 -35.24
CA PRO B 110 14.89 -8.51 -35.56
C PRO B 110 13.45 -8.13 -35.21
N ILE B 111 13.31 -6.97 -34.57
CA ILE B 111 12.02 -6.36 -34.36
C ILE B 111 12.10 -4.96 -34.97
N LYS B 112 11.28 -4.72 -35.99
CA LYS B 112 11.36 -3.49 -36.75
C LYS B 112 10.34 -2.45 -36.31
N VAL B 113 10.79 -1.19 -36.24
CA VAL B 113 9.92 -0.04 -36.12
C VAL B 113 10.26 0.89 -37.28
N ASP B 114 9.25 1.27 -38.06
CA ASP B 114 9.43 2.06 -39.28
C ASP B 114 10.46 1.41 -40.22
N GLY B 115 10.36 0.10 -40.34
CA GLY B 115 11.24 -0.69 -41.21
C GLY B 115 12.64 -0.94 -40.71
N LYS B 116 12.98 -0.45 -39.52
CA LYS B 116 14.33 -0.57 -38.98
C LYS B 116 14.39 -1.41 -37.71
N ASP B 117 15.27 -2.42 -37.71
CA ASP B 117 15.50 -3.29 -36.56
C ASP B 117 15.98 -2.46 -35.36
N VAL B 118 15.29 -2.60 -34.23
CA VAL B 118 15.60 -1.84 -33.02
C VAL B 118 16.68 -2.52 -32.17
N MET B 119 16.97 -3.77 -32.48
CA MET B 119 17.85 -4.58 -31.64
C MET B 119 19.31 -4.09 -31.55
N PRO B 120 19.94 -3.67 -32.65
CA PRO B 120 21.30 -3.10 -32.54
C PRO B 120 21.40 -1.97 -31.52
N GLU B 121 20.44 -1.05 -31.51
CA GLU B 121 20.44 0.06 -30.55
C GLU B 121 20.13 -0.40 -29.12
N VAL B 122 19.20 -1.34 -28.97
CA VAL B 122 18.92 -1.95 -27.66
C VAL B 122 20.22 -2.51 -27.07
N ASN B 123 20.94 -3.26 -27.90
CA ASN B 123 22.17 -3.93 -27.48
C ASN B 123 23.35 -2.97 -27.28
N ARG B 124 23.39 -1.90 -28.07
CA ARG B 124 24.41 -0.87 -27.90
C ARG B 124 24.30 -0.22 -26.51
N VAL B 125 23.08 0.14 -26.13
CA VAL B 125 22.85 0.76 -24.81
C VAL B 125 23.15 -0.24 -23.69
N LEU B 126 22.73 -1.50 -23.87
CA LEU B 126 23.06 -2.53 -22.89
C LEU B 126 24.58 -2.69 -22.72
N ASP B 127 25.32 -2.66 -23.83
CA ASP B 127 26.79 -2.72 -23.77
C ASP B 127 27.37 -1.54 -22.99
N LYS B 128 26.81 -0.35 -23.21
CA LYS B 128 27.21 0.86 -22.50
C LYS B 128 26.94 0.73 -21.00
N MET B 129 25.76 0.19 -20.65
CA MET B 129 25.42 -0.07 -19.25
C MET B 129 26.43 -1.03 -18.62
N LYS B 130 26.76 -2.11 -19.34
CA LYS B 130 27.72 -3.10 -18.85
C LYS B 130 29.08 -2.47 -18.55
N SER B 131 29.57 -1.65 -19.47
CA SER B 131 30.86 -0.96 -19.31
C SER B 131 30.86 -0.02 -18.10
N PHE B 132 29.78 0.75 -17.94
CA PHE B 132 29.63 1.64 -16.79
C PHE B 132 29.60 0.85 -15.48
N CYS B 133 28.87 -0.28 -15.48
CA CYS B 133 28.81 -1.14 -14.29
C CYS B 133 30.19 -1.64 -13.90
N GLN B 134 31.00 -2.04 -14.89
CA GLN B 134 32.37 -2.48 -14.62
C GLN B 134 33.15 -1.34 -13.98
N ARG B 135 33.06 -0.15 -14.56
CA ARG B 135 33.81 1.01 -14.08
C ARG B 135 33.47 1.35 -12.63
N VAL B 136 32.17 1.37 -12.31
CA VAL B 136 31.75 1.75 -10.97
C VAL B 136 31.99 0.64 -9.95
N ARG B 137 31.55 -0.58 -10.26
CA ARG B 137 31.63 -1.68 -9.32
C ARG B 137 33.07 -2.07 -8.96
N SER B 138 33.97 -1.96 -9.93
CA SER B 138 35.38 -2.30 -9.74
C SER B 138 36.11 -1.29 -8.85
N GLY B 139 35.55 -0.10 -8.72
CA GLY B 139 36.19 0.99 -8.03
C GLY B 139 37.06 1.85 -8.93
N ASP B 140 37.11 1.52 -10.22
CA ASP B 140 37.94 2.26 -11.19
C ASP B 140 37.43 3.67 -11.43
N TRP B 141 36.11 3.83 -11.41
CA TRP B 141 35.48 5.15 -11.54
C TRP B 141 35.66 5.91 -10.23
N LYS B 142 36.44 6.99 -10.28
CA LYS B 142 36.75 7.75 -9.08
C LYS B 142 35.89 9.01 -8.94
N GLY B 143 35.59 9.33 -7.69
CA GLY B 143 34.94 10.59 -7.35
C GLY B 143 35.94 11.73 -7.44
N TYR B 144 35.48 12.94 -7.13
CA TYR B 144 36.28 14.16 -7.33
C TYR B 144 37.55 14.24 -6.45
N THR B 145 37.59 13.46 -5.37
CA THR B 145 38.78 13.38 -4.52
C THR B 145 39.61 12.12 -4.79
N GLY B 146 39.20 11.34 -5.79
CA GLY B 146 39.95 10.16 -6.21
C GLY B 146 39.55 8.85 -5.54
N LYS B 147 38.38 8.84 -4.90
CA LYS B 147 37.90 7.67 -4.16
C LYS B 147 36.84 6.89 -4.93
N SER B 148 36.78 5.59 -4.70
CA SER B 148 35.77 4.72 -5.33
C SER B 148 34.37 5.09 -4.86
N ILE B 149 33.39 4.85 -5.73
CA ILE B 149 31.99 5.13 -5.43
C ILE B 149 31.42 4.04 -4.52
N THR B 150 30.74 4.47 -3.45
CA THR B 150 30.15 3.54 -2.48
C THR B 150 28.62 3.58 -2.50
N ASP B 151 28.08 4.67 -3.03
CA ASP B 151 26.64 4.92 -3.00
C ASP B 151 26.14 5.42 -4.35
N ILE B 152 25.05 4.80 -4.81
CA ILE B 152 24.37 5.21 -6.02
C ILE B 152 23.00 5.75 -5.63
N ILE B 153 22.62 6.89 -6.19
CA ILE B 153 21.33 7.50 -5.88
C ILE B 153 20.54 7.73 -7.15
N ASN B 154 19.46 6.96 -7.30
CA ASN B 154 18.57 7.12 -8.42
C ASN B 154 17.56 8.21 -8.10
N ILE B 155 17.46 9.19 -8.98
CA ILE B 155 16.48 10.26 -8.84
C ILE B 155 15.53 10.19 -10.03
N GLY B 156 14.25 9.99 -9.75
CA GLY B 156 13.25 9.80 -10.78
C GLY B 156 11.87 9.67 -10.17
N ILE B 157 10.83 9.84 -10.97
CA ILE B 157 9.45 9.70 -10.49
C ILE B 157 8.74 8.61 -11.28
N GLY B 158 7.69 8.05 -10.69
CA GLY B 158 6.86 7.06 -11.36
C GLY B 158 7.66 5.91 -11.92
N GLY B 159 7.55 5.69 -13.22
CA GLY B 159 8.24 4.60 -13.90
C GLY B 159 9.76 4.65 -13.84
N SER B 160 10.31 5.82 -13.52
CA SER B 160 11.75 5.96 -13.38
C SER B 160 12.22 5.66 -11.96
N ASP B 161 11.28 5.30 -11.09
CA ASP B 161 11.57 5.02 -9.68
C ASP B 161 11.08 3.64 -9.23
N LEU B 162 9.81 3.34 -9.46
CA LEU B 162 9.16 2.17 -8.87
C LEU B 162 9.83 0.84 -9.21
N GLY B 163 10.17 0.67 -10.49
CA GLY B 163 10.79 -0.55 -10.97
C GLY B 163 12.16 -0.79 -10.39
N PRO B 164 13.08 0.15 -10.59
CA PRO B 164 14.41 0.04 -9.97
C PRO B 164 14.36 -0.16 -8.45
N LEU B 165 13.47 0.54 -7.76
CA LEU B 165 13.34 0.36 -6.31
C LEU B 165 12.82 -1.04 -5.98
N MET B 166 11.72 -1.44 -6.60
CA MET B 166 11.14 -2.76 -6.30
C MET B 166 12.12 -3.90 -6.60
N VAL B 167 12.80 -3.81 -7.74
CA VAL B 167 13.72 -4.87 -8.16
C VAL B 167 14.97 -4.95 -7.29
N THR B 168 15.60 -3.81 -6.97
CA THR B 168 16.77 -3.87 -6.09
C THR B 168 16.40 -4.34 -4.69
N GLU B 169 15.20 -4.01 -4.23
CA GLU B 169 14.70 -4.52 -2.96
C GLU B 169 14.50 -6.04 -3.00
N ALA B 170 13.89 -6.52 -4.09
CA ALA B 170 13.60 -7.94 -4.22
C ALA B 170 14.85 -8.78 -4.41
N LEU B 171 15.89 -8.19 -4.99
CA LEU B 171 17.10 -8.91 -5.36
C LEU B 171 18.29 -8.53 -4.48
N LYS B 172 17.99 -7.97 -3.31
CA LYS B 172 19.03 -7.58 -2.35
C LYS B 172 20.13 -8.63 -2.10
N PRO B 173 19.80 -9.92 -1.97
CA PRO B 173 20.84 -10.95 -1.78
C PRO B 173 21.88 -11.04 -2.90
N TYR B 174 21.56 -10.49 -4.07
CA TYR B 174 22.43 -10.61 -5.24
C TYR B 174 23.34 -9.39 -5.42
N SER B 175 23.40 -8.56 -4.37
CA SER B 175 24.10 -7.28 -4.42
C SER B 175 25.49 -7.26 -3.76
N LYS B 176 26.03 -8.44 -3.44
CA LYS B 176 27.39 -8.52 -2.92
C LYS B 176 28.37 -7.91 -3.91
N GLY B 177 29.22 -7.01 -3.41
CA GLY B 177 30.21 -6.34 -4.23
C GLY B 177 29.67 -5.12 -4.97
N GLY B 178 28.38 -4.84 -4.77
CA GLY B 178 27.76 -3.69 -5.39
C GLY B 178 27.68 -2.52 -4.44
N PRO B 179 27.59 -1.30 -4.99
CA PRO B 179 27.39 -0.10 -4.16
C PRO B 179 26.01 -0.12 -3.52
N ARG B 180 25.85 0.58 -2.40
CA ARG B 180 24.54 0.80 -1.81
C ARG B 180 23.71 1.62 -2.78
N VAL B 181 22.41 1.35 -2.82
CA VAL B 181 21.52 2.07 -3.72
C VAL B 181 20.42 2.80 -2.93
N TRP B 182 20.16 4.04 -3.34
CA TRP B 182 19.16 4.90 -2.73
C TRP B 182 18.23 5.42 -3.81
N PHE B 183 16.98 5.65 -3.44
CA PHE B 183 15.97 6.13 -4.40
C PHE B 183 15.29 7.37 -3.88
N VAL B 184 15.41 8.45 -4.64
CA VAL B 184 14.75 9.72 -4.30
C VAL B 184 13.71 9.95 -5.38
N SER B 185 12.45 10.14 -4.96
CA SER B 185 11.35 10.24 -5.92
C SER B 185 10.39 11.38 -5.58
N ASN B 186 10.04 11.51 -4.32
CA ASN B 186 9.10 12.54 -3.90
C ASN B 186 9.69 13.93 -4.10
N ILE B 187 8.89 14.87 -4.59
CA ILE B 187 9.31 16.27 -4.60
C ILE B 187 9.42 16.83 -3.18
N ASP B 188 8.62 16.30 -2.26
CA ASP B 188 8.73 16.62 -0.84
C ASP B 188 10.20 16.63 -0.45
N GLY B 189 10.68 17.80 -0.01
CA GLY B 189 12.09 18.01 0.29
C GLY B 189 12.67 17.07 1.33
N THR B 190 11.79 16.52 2.16
CA THR B 190 12.16 15.47 3.11
C THR B 190 12.92 14.34 2.44
N HIS B 191 12.48 13.95 1.25
CA HIS B 191 13.04 12.78 0.60
C HIS B 191 14.52 12.97 0.25
N ILE B 192 14.84 14.01 -0.49
CA ILE B 192 16.24 14.27 -0.83
C ILE B 192 17.07 14.66 0.39
N ALA B 193 16.46 15.43 1.30
CA ALA B 193 17.17 15.93 2.49
C ALA B 193 17.66 14.79 3.37
N LYS B 194 16.76 13.85 3.67
CA LYS B 194 17.11 12.72 4.52
C LYS B 194 18.08 11.75 3.81
N THR B 195 18.03 11.69 2.48
CA THR B 195 18.94 10.85 1.71
C THR B 195 20.36 11.43 1.76
N LEU B 196 20.48 12.71 1.45
CA LEU B 196 21.79 13.36 1.40
C LEU B 196 22.46 13.44 2.77
N ALA B 197 21.65 13.48 3.83
CA ALA B 197 22.17 13.59 5.20
C ALA B 197 23.11 12.44 5.55
N SER B 198 22.90 11.28 4.92
CA SER B 198 23.69 10.08 5.20
C SER B 198 24.70 9.75 4.10
N LEU B 199 25.08 10.74 3.30
CA LEU B 199 25.97 10.51 2.16
C LEU B 199 27.19 11.41 2.17
N SER B 200 28.26 10.96 1.53
CA SER B 200 29.41 11.82 1.27
C SER B 200 29.44 12.21 -0.20
N PRO B 201 29.62 13.51 -0.47
CA PRO B 201 29.76 13.98 -1.86
C PRO B 201 30.95 13.34 -2.58
N GLU B 202 31.95 12.89 -1.81
CA GLU B 202 33.15 12.29 -2.38
C GLU B 202 32.92 10.92 -3.01
N THR B 203 31.90 10.21 -2.52
CA THR B 203 31.73 8.80 -2.89
C THR B 203 30.32 8.47 -3.35
N SER B 204 29.53 9.49 -3.64
CA SER B 204 28.15 9.28 -4.10
C SER B 204 28.01 9.62 -5.58
N LEU B 205 27.32 8.76 -6.33
CA LEU B 205 27.03 9.04 -7.73
C LEU B 205 25.53 9.04 -7.96
N PHE B 206 25.04 10.07 -8.63
CA PHE B 206 23.61 10.28 -8.85
C PHE B 206 23.24 9.87 -10.26
N ILE B 207 22.15 9.11 -10.37
CA ILE B 207 21.59 8.72 -11.66
C ILE B 207 20.31 9.52 -11.85
N ILE B 208 20.30 10.41 -12.84
CA ILE B 208 19.11 11.24 -13.09
C ILE B 208 18.28 10.62 -14.20
N ALA B 209 17.13 10.08 -13.83
CA ALA B 209 16.31 9.29 -14.73
C ALA B 209 15.13 10.10 -15.26
N SER B 210 15.23 10.55 -16.51
CA SER B 210 14.22 11.38 -17.16
C SER B 210 14.45 11.45 -18.67
N LYS B 211 13.52 10.90 -19.44
CA LYS B 211 13.62 10.89 -20.90
C LYS B 211 13.84 12.28 -21.50
N THR B 212 12.99 13.24 -21.14
CA THR B 212 13.08 14.62 -21.63
C THR B 212 14.20 15.40 -20.95
N PHE B 213 14.57 14.96 -19.75
CA PHE B 213 15.45 15.72 -18.85
C PHE B 213 14.90 17.10 -18.48
N THR B 214 13.57 17.23 -18.52
CA THR B 214 12.87 18.44 -18.06
C THR B 214 11.75 18.13 -17.06
N THR B 215 11.63 16.86 -16.65
CA THR B 215 10.65 16.43 -15.65
C THR B 215 10.80 17.26 -14.38
N GLN B 216 9.77 18.03 -14.02
CA GLN B 216 9.89 19.04 -12.96
C GLN B 216 10.43 18.49 -11.63
N GLU B 217 9.79 17.46 -11.11
CA GLU B 217 10.14 16.96 -9.79
C GLU B 217 11.53 16.31 -9.78
N THR B 218 11.79 15.51 -10.81
CA THR B 218 13.08 14.85 -10.97
C THR B 218 14.23 15.85 -11.14
N ILE B 219 14.05 16.83 -12.03
CA ILE B 219 15.09 17.83 -12.25
C ILE B 219 15.29 18.73 -11.02
N THR B 220 14.20 19.06 -10.32
CA THR B 220 14.32 19.83 -9.08
C THR B 220 15.16 19.07 -8.06
N ASN B 221 14.81 17.81 -7.84
CA ASN B 221 15.61 16.94 -6.97
C ASN B 221 17.06 16.85 -7.42
N ALA B 222 17.26 16.68 -8.73
CA ALA B 222 18.60 16.61 -9.32
C ALA B 222 19.40 17.90 -9.07
N GLU B 223 18.74 19.04 -9.21
CA GLU B 223 19.40 20.33 -9.02
C GLU B 223 19.74 20.58 -7.55
N THR B 224 18.89 20.08 -6.65
CA THR B 224 19.18 20.13 -5.22
C THR B 224 20.39 19.27 -4.88
N ALA B 225 20.46 18.07 -5.47
CA ALA B 225 21.62 17.18 -5.30
C ALA B 225 22.90 17.84 -5.81
N LYS B 226 22.81 18.48 -6.97
CA LYS B 226 23.97 19.18 -7.56
C LYS B 226 24.46 20.33 -6.69
N GLU B 227 23.53 21.09 -6.13
CA GLU B 227 23.87 22.20 -5.22
C GLU B 227 24.62 21.71 -3.97
N TRP B 228 24.10 20.65 -3.37
CA TRP B 228 24.72 19.98 -2.23
C TRP B 228 26.12 19.49 -2.60
N PHE B 229 26.21 18.85 -3.76
CA PHE B 229 27.50 18.34 -4.26
C PHE B 229 28.52 19.46 -4.45
N LEU B 230 28.11 20.55 -5.10
CA LEU B 230 29.04 21.62 -5.45
C LEU B 230 29.48 22.44 -4.24
N GLU B 231 28.67 22.42 -3.18
CA GLU B 231 29.06 23.06 -1.92
C GLU B 231 30.38 22.44 -1.41
N ALA B 232 30.50 21.12 -1.56
CA ALA B 232 31.71 20.40 -1.18
C ALA B 232 32.81 20.46 -2.25
N ALA B 233 32.43 20.19 -3.51
CA ALA B 233 33.41 20.04 -4.58
C ALA B 233 33.95 21.36 -5.15
N LYS B 234 33.12 22.40 -5.18
CA LYS B 234 33.54 23.75 -5.58
C LYS B 234 34.13 23.84 -7.00
N ASP B 235 33.68 22.93 -7.86
CA ASP B 235 34.22 22.81 -9.21
C ASP B 235 33.15 22.22 -10.13
N PRO B 236 32.59 23.04 -11.02
CA PRO B 236 31.52 22.58 -11.93
C PRO B 236 31.94 21.42 -12.83
N SER B 237 33.23 21.30 -13.13
CA SER B 237 33.73 20.19 -13.94
C SER B 237 33.69 18.85 -13.19
N ALA B 238 33.55 18.89 -11.87
CA ALA B 238 33.47 17.68 -11.05
C ALA B 238 32.11 16.99 -11.14
N VAL B 239 31.09 17.74 -11.58
CA VAL B 239 29.73 17.20 -11.72
C VAL B 239 29.70 15.94 -12.61
N ALA B 240 30.50 15.94 -13.67
CA ALA B 240 30.55 14.82 -14.61
C ALA B 240 31.06 13.52 -13.97
N LYS B 241 31.71 13.62 -12.82
CA LYS B 241 32.21 12.45 -12.12
C LYS B 241 31.17 11.84 -11.18
N HIS B 242 30.08 12.58 -10.95
CA HIS B 242 29.12 12.23 -9.91
C HIS B 242 27.66 12.24 -10.37
N PHE B 243 27.44 12.57 -11.63
CA PHE B 243 26.08 12.61 -12.20
C PHE B 243 26.07 11.98 -13.58
N VAL B 244 25.13 11.06 -13.80
CA VAL B 244 24.87 10.48 -15.12
C VAL B 244 23.37 10.59 -15.40
N ALA B 245 22.99 10.35 -16.65
CA ALA B 245 21.62 10.56 -17.09
C ALA B 245 21.06 9.36 -17.82
N LEU B 246 19.80 9.04 -17.54
CA LEU B 246 19.04 8.08 -18.33
C LEU B 246 18.03 8.94 -19.08
N SER B 247 18.33 9.21 -20.36
CA SER B 247 17.69 10.29 -21.11
C SER B 247 18.07 10.22 -22.58
N THR B 248 17.38 11.00 -23.42
CA THR B 248 17.78 11.21 -24.81
C THR B 248 18.07 12.67 -25.10
N ASN B 249 17.81 13.55 -24.13
CA ASN B 249 18.01 14.98 -24.32
C ASN B 249 19.46 15.42 -24.11
N THR B 250 20.27 15.17 -25.14
CA THR B 250 21.70 15.46 -25.10
C THR B 250 22.02 16.87 -24.61
N ALA B 251 21.35 17.86 -25.19
CA ALA B 251 21.61 19.27 -24.88
C ALA B 251 21.36 19.63 -23.41
N LYS B 252 20.24 19.18 -22.86
CA LYS B 252 19.90 19.47 -21.47
C LYS B 252 20.81 18.71 -20.51
N VAL B 253 21.19 17.50 -20.89
CA VAL B 253 22.10 16.66 -20.11
C VAL B 253 23.46 17.35 -20.02
N LYS B 254 23.95 17.83 -21.16
CA LYS B 254 25.20 18.57 -21.25
C LYS B 254 25.16 19.85 -20.40
N GLU B 255 24.04 20.57 -20.47
CA GLU B 255 23.85 21.83 -19.75
C GLU B 255 23.87 21.63 -18.24
N PHE B 256 23.36 20.49 -17.78
CA PHE B 256 23.37 20.12 -16.38
C PHE B 256 24.79 19.94 -15.85
N GLY B 257 25.72 19.54 -16.73
CA GLY B 257 27.10 19.29 -16.35
C GLY B 257 27.50 17.83 -16.46
N ILE B 258 26.62 17.02 -17.04
CA ILE B 258 26.90 15.60 -17.25
C ILE B 258 27.62 15.41 -18.58
N ASP B 259 28.64 14.55 -18.56
CA ASP B 259 29.33 14.12 -19.78
C ASP B 259 28.32 13.34 -20.64
N PRO B 260 28.05 13.81 -21.86
CA PRO B 260 27.10 13.15 -22.77
C PRO B 260 27.41 11.68 -23.07
N GLN B 261 28.67 11.28 -22.88
CA GLN B 261 29.05 9.86 -22.99
C GLN B 261 28.32 9.02 -21.94
N ASN B 262 27.94 9.64 -20.83
CA ASN B 262 27.21 8.95 -19.78
C ASN B 262 25.72 9.28 -19.78
N MET B 263 25.18 9.45 -20.99
CA MET B 263 23.73 9.49 -21.19
C MET B 263 23.30 8.15 -21.77
N PHE B 264 22.45 7.45 -21.03
CA PHE B 264 22.01 6.12 -21.41
C PHE B 264 20.60 6.20 -21.99
N GLU B 265 20.51 5.90 -23.28
CA GLU B 265 19.29 6.21 -24.03
C GLU B 265 18.25 5.12 -24.00
N PHE B 266 17.00 5.54 -24.16
CA PHE B 266 15.90 4.64 -24.45
C PHE B 266 14.92 5.33 -25.41
N TRP B 267 13.81 4.66 -25.73
CA TRP B 267 13.02 5.07 -26.91
C TRP B 267 11.56 5.29 -26.58
N ASP B 268 10.84 5.97 -27.48
CA ASP B 268 9.44 6.32 -27.21
C ASP B 268 8.51 5.12 -27.10
N TRP B 269 8.96 3.97 -27.57
CA TRP B 269 8.19 2.73 -27.45
C TRP B 269 8.45 1.98 -26.13
N VAL B 270 9.24 2.61 -25.27
CA VAL B 270 9.42 2.16 -23.89
C VAL B 270 8.56 3.03 -22.97
N GLY B 271 7.44 2.47 -22.50
CA GLY B 271 6.59 3.18 -21.55
C GLY B 271 7.28 3.24 -20.21
N GLY B 272 7.12 4.35 -19.49
CA GLY B 272 7.73 4.53 -18.18
C GLY B 272 7.48 3.36 -17.24
N ARG B 273 6.21 2.96 -17.13
CA ARG B 273 5.84 1.85 -16.27
C ARG B 273 6.22 0.47 -16.83
N TYR B 274 6.92 0.46 -17.97
CA TYR B 274 7.46 -0.76 -18.58
C TYR B 274 8.95 -0.58 -18.88
N SER B 275 9.63 0.26 -18.10
CA SER B 275 10.98 0.72 -18.47
C SER B 275 12.16 0.14 -17.70
N LEU B 276 11.92 -0.62 -16.64
CA LEU B 276 13.03 -1.12 -15.82
C LEU B 276 14.00 -1.98 -16.64
N TRP B 277 13.50 -2.53 -17.76
CA TRP B 277 14.26 -3.40 -18.66
C TRP B 277 15.23 -2.64 -19.55
N SER B 278 15.04 -1.34 -19.63
CA SER B 278 15.85 -0.46 -20.47
C SER B 278 17.00 0.16 -19.65
N ALA B 279 17.60 1.22 -20.20
CA ALA B 279 18.53 2.08 -19.50
C ALA B 279 18.04 2.49 -18.10
N ILE B 280 16.72 2.61 -17.93
CA ILE B 280 16.13 2.95 -16.63
C ILE B 280 16.54 1.97 -15.53
N GLY B 281 16.85 0.74 -15.92
CA GLY B 281 17.31 -0.24 -14.96
C GLY B 281 18.78 -0.16 -14.58
N LEU B 282 19.46 0.93 -14.93
CA LEU B 282 20.89 1.05 -14.63
C LEU B 282 21.24 0.84 -13.15
N SER B 283 20.45 1.41 -12.25
CA SER B 283 20.66 1.23 -10.82
C SER B 283 20.55 -0.24 -10.38
N ILE B 284 19.68 -1.01 -11.07
CA ILE B 284 19.59 -2.44 -10.81
C ILE B 284 20.91 -3.12 -11.18
N ALA B 285 21.37 -2.85 -12.40
CA ALA B 285 22.58 -3.48 -12.91
C ALA B 285 23.80 -3.10 -12.08
N LEU B 286 23.85 -1.86 -11.61
CA LEU B 286 24.94 -1.42 -10.72
C LEU B 286 24.92 -2.15 -9.38
N HIS B 287 23.72 -2.32 -8.83
CA HIS B 287 23.55 -2.91 -7.51
C HIS B 287 23.83 -4.41 -7.51
N VAL B 288 23.22 -5.14 -8.44
CA VAL B 288 23.34 -6.60 -8.46
C VAL B 288 24.31 -7.14 -9.52
N GLY B 289 24.85 -6.26 -10.35
CA GLY B 289 25.79 -6.67 -11.38
C GLY B 289 25.09 -6.92 -12.70
N PHE B 290 25.82 -6.72 -13.80
CA PHE B 290 25.24 -6.84 -15.12
C PHE B 290 24.79 -8.27 -15.46
N ASP B 291 25.53 -9.28 -14.99
CA ASP B 291 25.14 -10.67 -15.21
C ASP B 291 23.75 -10.94 -14.64
N HIS B 292 23.51 -10.50 -13.41
CA HIS B 292 22.20 -10.65 -12.79
C HIS B 292 21.12 -9.84 -13.50
N PHE B 293 21.50 -8.66 -14.02
CA PHE B 293 20.58 -7.87 -14.82
C PHE B 293 20.19 -8.61 -16.09
N GLU B 294 21.17 -9.24 -16.75
CA GLU B 294 20.89 -10.04 -17.94
C GLU B 294 19.98 -11.22 -17.62
N GLN B 295 20.13 -11.79 -16.42
CA GLN B 295 19.28 -12.89 -15.97
C GLN B 295 17.84 -12.42 -15.78
N LEU B 296 17.68 -11.23 -15.19
CA LEU B 296 16.38 -10.58 -15.07
C LEU B 296 15.71 -10.40 -16.44
N LEU B 297 16.46 -9.87 -17.41
CA LEU B 297 15.97 -9.74 -18.78
C LEU B 297 15.59 -11.09 -19.38
N SER B 298 16.44 -12.09 -19.15
CA SER B 298 16.21 -13.43 -19.70
C SER B 298 14.93 -14.08 -19.17
N GLY B 299 14.61 -13.82 -17.91
CA GLY B 299 13.39 -14.36 -17.29
C GLY B 299 12.16 -13.74 -17.92
N ALA B 300 12.20 -12.43 -18.12
CA ALA B 300 11.14 -11.72 -18.84
C ALA B 300 11.02 -12.27 -20.26
N HIS B 301 12.16 -12.49 -20.93
CA HIS B 301 12.17 -13.04 -22.28
C HIS B 301 11.51 -14.41 -22.34
N TRP B 302 11.78 -15.24 -21.34
CA TRP B 302 11.15 -16.56 -21.28
C TRP B 302 9.63 -16.42 -21.23
N MET B 303 9.14 -15.56 -20.36
CA MET B 303 7.70 -15.32 -20.21
C MET B 303 7.08 -14.70 -21.45
N ASP B 304 7.83 -13.84 -22.15
CA ASP B 304 7.37 -13.25 -23.42
C ASP B 304 7.11 -14.36 -24.44
N GLN B 305 8.05 -15.30 -24.51
CA GLN B 305 7.95 -16.42 -25.43
C GLN B 305 6.80 -17.35 -25.04
N HIS B 306 6.64 -17.58 -23.74
CA HIS B 306 5.49 -18.33 -23.23
C HIS B 306 4.19 -17.69 -23.69
N PHE B 307 4.10 -16.37 -23.51
CA PHE B 307 2.90 -15.60 -23.87
C PHE B 307 2.65 -15.67 -25.37
N LEU B 308 3.73 -15.54 -26.15
CA LEU B 308 3.65 -15.55 -27.61
C LEU B 308 3.23 -16.90 -28.21
N LYS B 309 3.78 -17.99 -27.67
CA LYS B 309 3.69 -19.29 -28.32
C LYS B 309 2.61 -20.23 -27.79
N THR B 310 2.09 -19.95 -26.60
CA THR B 310 1.21 -20.89 -25.90
C THR B 310 -0.27 -20.69 -26.24
N PRO B 311 -0.97 -21.80 -26.58
CA PRO B 311 -2.43 -21.74 -26.78
C PRO B 311 -3.10 -21.07 -25.59
N LEU B 312 -4.08 -20.23 -25.86
CA LEU B 312 -4.68 -19.36 -24.83
C LEU B 312 -5.14 -20.09 -23.57
N GLU B 313 -5.68 -21.29 -23.75
CA GLU B 313 -6.26 -22.06 -22.64
C GLU B 313 -5.24 -22.55 -21.61
N LYS B 314 -3.95 -22.51 -21.96
CA LYS B 314 -2.88 -22.91 -21.04
C LYS B 314 -1.80 -21.82 -20.94
N ASN B 315 -2.20 -20.58 -21.20
CA ASN B 315 -1.31 -19.42 -21.29
C ASN B 315 -1.41 -18.60 -20.00
N ALA B 316 -0.37 -18.64 -19.18
CA ALA B 316 -0.41 -18.07 -17.83
C ALA B 316 -0.95 -16.63 -17.73
N PRO B 317 -0.33 -15.65 -18.40
CA PRO B 317 -0.85 -14.27 -18.33
C PRO B 317 -2.27 -14.12 -18.85
N VAL B 318 -2.62 -14.89 -19.88
CA VAL B 318 -3.98 -14.88 -20.42
C VAL B 318 -4.99 -15.38 -19.38
N LEU B 319 -4.68 -16.48 -18.72
CA LEU B 319 -5.59 -17.03 -17.72
C LEU B 319 -5.79 -16.08 -16.52
N LEU B 320 -4.68 -15.49 -16.06
CA LEU B 320 -4.77 -14.51 -14.98
C LEU B 320 -5.64 -13.32 -15.39
N ALA B 321 -5.47 -12.88 -16.64
CA ALA B 321 -6.28 -11.80 -17.19
C ALA B 321 -7.75 -12.15 -17.22
N LEU B 322 -8.04 -13.35 -17.70
CA LEU B 322 -9.42 -13.82 -17.82
C LEU B 322 -10.14 -13.96 -16.47
N LEU B 323 -9.44 -14.46 -15.46
CA LEU B 323 -10.01 -14.54 -14.13
C LEU B 323 -10.33 -13.14 -13.63
N GLY B 324 -9.44 -12.19 -13.90
CA GLY B 324 -9.68 -10.79 -13.59
C GLY B 324 -10.91 -10.23 -14.27
N ILE B 325 -11.09 -10.54 -15.56
CA ILE B 325 -12.27 -10.09 -16.31
C ILE B 325 -13.55 -10.63 -15.66
N TRP B 326 -13.51 -11.91 -15.30
CA TRP B 326 -14.61 -12.59 -14.63
C TRP B 326 -14.99 -11.83 -13.34
N TYR B 327 -14.02 -11.52 -12.50
CA TYR B 327 -14.31 -10.86 -11.23
C TYR B 327 -14.69 -9.39 -11.39
N ILE B 328 -14.08 -8.72 -12.36
CA ILE B 328 -14.33 -7.29 -12.57
C ILE B 328 -15.66 -7.07 -13.29
N ASN B 329 -15.82 -7.70 -14.45
CA ASN B 329 -16.97 -7.42 -15.30
C ASN B 329 -18.21 -8.26 -15.03
N CYS B 330 -18.05 -9.36 -14.28
CA CYS B 330 -19.21 -10.19 -13.94
C CYS B 330 -19.58 -10.09 -12.45
N TYR B 331 -18.61 -10.19 -11.56
CA TYR B 331 -18.85 -10.05 -10.12
C TYR B 331 -18.82 -8.59 -9.61
N GLY B 332 -18.20 -7.71 -10.39
CA GLY B 332 -18.13 -6.30 -10.04
C GLY B 332 -17.14 -5.94 -8.95
N CYS B 333 -16.10 -6.76 -8.77
CA CYS B 333 -15.08 -6.51 -7.76
C CYS B 333 -14.19 -5.33 -8.16
N GLU B 334 -14.11 -4.34 -7.29
CA GLU B 334 -13.33 -3.12 -7.56
C GLU B 334 -11.82 -3.34 -7.48
N THR B 335 -11.39 -4.29 -6.64
CA THR B 335 -9.98 -4.36 -6.29
C THR B 335 -9.31 -5.69 -6.61
N HIS B 336 -8.00 -5.67 -6.59
CA HIS B 336 -7.20 -6.87 -6.78
C HIS B 336 -6.02 -6.81 -5.81
N ALA B 337 -5.93 -7.78 -4.91
CA ALA B 337 -4.90 -7.78 -3.87
C ALA B 337 -3.70 -8.63 -4.30
N LEU B 338 -2.52 -8.06 -4.16
CA LEU B 338 -1.26 -8.77 -4.41
C LEU B 338 -0.60 -8.98 -3.05
N LEU B 339 -0.47 -10.25 -2.66
CA LEU B 339 -0.01 -10.60 -1.31
C LEU B 339 1.20 -11.54 -1.36
N PRO B 340 2.39 -10.98 -1.59
CA PRO B 340 3.60 -11.81 -1.61
C PRO B 340 4.04 -12.18 -0.20
N TYR B 341 4.25 -13.47 0.04
CA TYR B 341 4.73 -13.94 1.34
C TYR B 341 6.25 -13.89 1.31
N ASP B 342 6.76 -12.66 1.21
CA ASP B 342 8.17 -12.42 0.97
C ASP B 342 8.50 -10.96 1.25
N GLN B 343 9.31 -10.75 2.28
CA GLN B 343 9.71 -9.41 2.69
C GLN B 343 10.50 -8.68 1.59
N TYR B 344 11.31 -9.41 0.84
CA TYR B 344 12.05 -8.78 -0.25
C TYR B 344 11.11 -8.21 -1.30
N MET B 345 9.94 -8.82 -1.47
CA MET B 345 8.93 -8.35 -2.42
C MET B 345 8.00 -7.27 -1.86
N HIS B 346 8.44 -6.55 -0.83
CA HIS B 346 7.54 -5.62 -0.15
C HIS B 346 7.06 -4.44 -1.00
N ARG B 347 7.74 -4.18 -2.12
CA ARG B 347 7.36 -3.08 -3.01
C ARG B 347 6.74 -3.58 -4.33
N PHE B 348 6.44 -4.88 -4.39
CA PHE B 348 5.84 -5.51 -5.56
C PHE B 348 4.44 -4.96 -5.83
N ALA B 349 3.60 -4.89 -4.80
CA ALA B 349 2.26 -4.35 -4.96
C ALA B 349 2.27 -2.89 -5.44
N ALA B 350 3.10 -2.06 -4.82
CA ALA B 350 3.20 -0.65 -5.19
C ALA B 350 3.62 -0.49 -6.65
N TYR B 351 4.51 -1.37 -7.11
CA TYR B 351 4.94 -1.36 -8.50
C TYR B 351 3.78 -1.59 -9.45
N PHE B 352 2.95 -2.58 -9.14
CA PHE B 352 1.85 -2.90 -10.02
C PHE B 352 0.65 -1.99 -9.86
N GLN B 353 0.66 -1.15 -8.83
CA GLN B 353 -0.29 -0.03 -8.80
C GLN B 353 -0.07 0.87 -10.02
N GLN B 354 1.17 1.19 -10.36
CA GLN B 354 1.41 1.92 -11.61
C GLN B 354 1.21 1.03 -12.83
N GLY B 355 1.86 -0.13 -12.84
CA GLY B 355 1.82 -1.02 -13.99
C GLY B 355 0.41 -1.37 -14.43
N ASP B 356 -0.44 -1.70 -13.46
CA ASP B 356 -1.81 -2.07 -13.74
C ASP B 356 -2.68 -0.80 -13.86
N MET B 357 -2.70 0.01 -12.81
CA MET B 357 -3.71 1.09 -12.71
C MET B 357 -3.47 2.24 -13.68
N GLU B 358 -2.22 2.57 -13.96
CA GLU B 358 -1.96 3.63 -14.92
C GLU B 358 -2.17 3.14 -16.35
N SER B 359 -2.00 1.83 -16.55
CA SER B 359 -2.27 1.23 -17.86
C SER B 359 -3.75 1.15 -18.15
N ASN B 360 -4.50 0.59 -17.20
CA ASN B 360 -5.88 0.18 -17.47
C ASN B 360 -6.96 0.97 -16.74
N GLY B 361 -6.54 2.01 -16.01
CA GLY B 361 -7.48 2.94 -15.41
C GLY B 361 -7.94 3.92 -16.48
N LYS B 362 -8.78 3.42 -17.38
CA LYS B 362 -9.14 4.11 -18.63
C LYS B 362 -10.64 4.01 -18.86
N TYR B 363 -11.17 4.89 -19.70
CA TYR B 363 -12.61 4.87 -19.95
C TYR B 363 -13.04 5.15 -21.40
N ILE B 364 -12.06 5.39 -22.28
CA ILE B 364 -12.32 5.60 -23.70
C ILE B 364 -11.80 4.45 -24.53
N THR B 365 -12.65 3.89 -25.39
CA THR B 365 -12.23 2.78 -26.26
C THR B 365 -11.56 3.26 -27.55
N LYS B 366 -11.04 2.29 -28.31
CA LYS B 366 -10.36 2.57 -29.57
C LYS B 366 -11.20 3.40 -30.55
N SER B 367 -12.52 3.15 -30.58
CA SER B 367 -13.44 3.89 -31.44
C SER B 367 -13.67 5.34 -30.98
N GLY B 368 -13.27 5.62 -29.73
CA GLY B 368 -13.50 6.92 -29.14
C GLY B 368 -14.75 6.96 -28.29
N ALA B 369 -15.51 5.87 -28.28
CA ALA B 369 -16.71 5.80 -27.46
C ALA B 369 -16.35 5.47 -26.01
N ARG B 370 -17.18 5.96 -25.08
CA ARG B 370 -17.01 5.69 -23.65
C ARG B 370 -17.32 4.23 -23.36
N VAL B 371 -16.56 3.62 -22.45
CA VAL B 371 -16.91 2.30 -21.95
C VAL B 371 -18.22 2.38 -21.18
N ASP B 372 -19.01 1.30 -21.24
CA ASP B 372 -20.20 1.18 -20.41
C ASP B 372 -20.05 -0.04 -19.50
N HIS B 373 -18.82 -0.25 -19.05
CA HIS B 373 -18.45 -1.38 -18.21
C HIS B 373 -17.21 -0.99 -17.42
N GLN B 374 -16.85 -1.80 -16.43
CA GLN B 374 -15.68 -1.56 -15.62
C GLN B 374 -14.39 -1.84 -16.40
N THR B 375 -13.33 -1.09 -16.09
CA THR B 375 -11.99 -1.40 -16.59
C THR B 375 -11.07 -1.75 -15.41
N GLY B 376 -9.82 -1.30 -15.43
CA GLY B 376 -8.83 -1.69 -14.44
C GLY B 376 -9.25 -1.60 -12.98
N PRO B 377 -8.81 -2.58 -12.18
CA PRO B 377 -9.11 -2.60 -10.75
C PRO B 377 -8.14 -1.76 -9.93
N ILE B 378 -8.52 -1.49 -8.67
CA ILE B 378 -7.59 -0.90 -7.70
C ILE B 378 -6.72 -2.02 -7.14
N VAL B 379 -5.42 -1.88 -7.35
CA VAL B 379 -4.43 -2.87 -6.89
C VAL B 379 -3.89 -2.43 -5.54
N TRP B 380 -3.73 -3.38 -4.63
CA TRP B 380 -3.25 -3.07 -3.29
C TRP B 380 -2.69 -4.34 -2.65
N GLY B 381 -2.03 -4.18 -1.51
CA GLY B 381 -1.54 -5.33 -0.75
C GLY B 381 -0.32 -5.04 0.09
N GLU B 382 -0.11 -5.91 1.08
CA GLU B 382 1.09 -5.91 1.91
C GLU B 382 1.60 -7.35 1.98
N PRO B 383 2.89 -7.54 2.24
CA PRO B 383 3.43 -8.90 2.36
C PRO B 383 2.81 -9.72 3.49
N GLY B 384 2.66 -11.03 3.26
CA GLY B 384 2.32 -11.96 4.33
C GLY B 384 3.60 -12.31 5.08
N THR B 385 3.50 -12.61 6.37
CA THR B 385 2.22 -12.81 7.07
C THR B 385 1.64 -11.53 7.66
N ASN B 386 2.34 -10.42 7.50
CA ASN B 386 1.93 -9.16 8.14
C ASN B 386 0.48 -8.78 7.90
N GLY B 387 0.04 -8.89 6.64
CA GLY B 387 -1.33 -8.59 6.28
C GLY B 387 -2.37 -9.35 7.09
N GLN B 388 -2.05 -10.58 7.49
CA GLN B 388 -2.95 -11.39 8.32
C GLN B 388 -3.32 -10.70 9.62
N HIS B 389 -2.41 -9.86 10.11
CA HIS B 389 -2.60 -9.15 11.37
C HIS B 389 -2.98 -7.69 11.15
N ALA B 390 -3.41 -7.37 9.93
CA ALA B 390 -3.80 -6.00 9.60
C ALA B 390 -5.18 -5.94 8.98
N PHE B 391 -5.35 -6.55 7.81
CA PHE B 391 -6.59 -6.38 7.04
C PHE B 391 -7.26 -7.68 6.61
N TYR B 392 -6.66 -8.83 6.91
CA TYR B 392 -7.30 -10.09 6.51
C TYR B 392 -8.63 -10.32 7.23
N GLN B 393 -8.83 -9.65 8.38
CA GLN B 393 -10.13 -9.67 9.05
C GLN B 393 -11.24 -9.33 8.06
N LEU B 394 -11.01 -8.28 7.27
CA LEU B 394 -12.00 -7.84 6.28
C LEU B 394 -12.12 -8.80 5.10
N ILE B 395 -10.99 -9.34 4.64
CA ILE B 395 -11.03 -10.31 3.56
C ILE B 395 -11.84 -11.54 3.99
N HIS B 396 -11.65 -11.99 5.23
CA HIS B 396 -12.34 -13.19 5.74
C HIS B 396 -13.80 -12.95 6.14
N GLN B 397 -14.08 -11.78 6.72
CA GLN B 397 -15.38 -11.55 7.37
C GLN B 397 -16.05 -10.21 7.08
N GLY B 398 -15.55 -9.49 6.07
CA GLY B 398 -16.15 -8.25 5.64
C GLY B 398 -17.26 -8.47 4.63
N THR B 399 -17.61 -7.41 3.89
CA THR B 399 -18.68 -7.45 2.91
C THR B 399 -18.20 -7.22 1.46
N LYS B 400 -16.89 -7.34 1.27
CA LYS B 400 -16.27 -7.15 -0.05
C LYS B 400 -15.79 -8.49 -0.61
N MET B 401 -16.00 -8.70 -1.90
CA MET B 401 -15.32 -9.79 -2.62
C MET B 401 -14.00 -9.24 -3.19
N ILE B 402 -12.89 -9.89 -2.81
CA ILE B 402 -11.55 -9.39 -3.13
C ILE B 402 -10.71 -10.51 -3.71
N PRO B 403 -10.57 -10.58 -5.03
CA PRO B 403 -9.67 -11.56 -5.64
C PRO B 403 -8.24 -11.28 -5.13
N CYS B 404 -7.55 -12.33 -4.68
CA CYS B 404 -6.20 -12.19 -4.13
C CYS B 404 -5.22 -13.11 -4.83
N ASP B 405 -4.05 -12.58 -5.19
CA ASP B 405 -2.93 -13.40 -5.64
C ASP B 405 -1.96 -13.54 -4.48
N PHE B 406 -1.78 -14.78 -4.02
CA PHE B 406 -0.80 -15.11 -3.00
C PHE B 406 0.45 -15.59 -3.72
N LEU B 407 1.60 -15.00 -3.40
CA LEU B 407 2.86 -15.37 -4.05
C LEU B 407 3.92 -15.77 -3.03
N ILE B 408 4.74 -16.78 -3.37
CA ILE B 408 5.83 -17.20 -2.46
C ILE B 408 6.90 -18.01 -3.20
N PRO B 409 8.17 -17.79 -2.86
CA PRO B 409 9.24 -18.72 -3.26
C PRO B 409 9.31 -19.94 -2.34
N VAL B 410 9.54 -21.11 -2.94
CA VAL B 410 9.70 -22.35 -2.19
C VAL B 410 10.96 -22.26 -1.31
N GLN B 411 12.03 -21.76 -1.92
CA GLN B 411 13.33 -21.60 -1.23
C GLN B 411 13.54 -20.17 -0.76
N THR B 412 13.89 -20.03 0.51
CA THR B 412 14.17 -18.72 1.08
C THR B 412 15.65 -18.35 0.90
N GLN B 413 15.90 -17.05 0.79
CA GLN B 413 17.26 -16.53 0.71
C GLN B 413 17.96 -16.62 2.07
N HIS B 414 17.17 -16.84 3.12
CA HIS B 414 17.68 -16.86 4.49
C HIS B 414 17.12 -18.03 5.30
N PRO B 415 17.62 -19.25 5.04
CA PRO B 415 17.09 -20.45 5.71
C PRO B 415 17.56 -20.56 7.16
N ILE B 416 17.32 -19.52 7.95
CA ILE B 416 17.75 -19.50 9.35
C ILE B 416 17.07 -20.58 10.19
N ARG B 417 17.75 -20.98 11.25
CA ARG B 417 17.22 -21.97 12.20
C ARG B 417 16.69 -23.21 11.50
N LYS B 418 17.52 -23.74 10.61
CA LYS B 418 17.24 -24.97 9.84
C LYS B 418 15.91 -24.93 9.10
N GLY B 419 15.53 -23.73 8.64
CA GLY B 419 14.34 -23.55 7.85
C GLY B 419 13.06 -23.33 8.62
N LEU B 420 13.16 -23.11 9.93
CA LEU B 420 11.97 -22.97 10.78
C LEU B 420 11.08 -21.80 10.38
N HIS B 421 11.68 -20.64 10.16
CA HIS B 421 10.92 -19.45 9.78
C HIS B 421 10.18 -19.68 8.46
N HIS B 422 10.87 -20.29 7.49
CA HIS B 422 10.26 -20.47 6.17
C HIS B 422 9.18 -21.54 6.18
N LYS B 423 9.36 -22.56 7.02
CA LYS B 423 8.34 -23.57 7.22
C LYS B 423 7.05 -22.91 7.71
N ILE B 424 7.18 -22.04 8.70
CA ILE B 424 6.02 -21.31 9.24
C ILE B 424 5.42 -20.38 8.18
N LEU B 425 6.28 -19.67 7.46
CA LEU B 425 5.83 -18.77 6.39
C LEU B 425 5.01 -19.54 5.34
N LEU B 426 5.54 -20.66 4.89
CA LEU B 426 4.84 -21.52 3.91
C LEU B 426 3.52 -22.05 4.45
N ALA B 427 3.51 -22.48 5.71
CA ALA B 427 2.30 -23.01 6.33
C ALA B 427 1.18 -21.96 6.33
N ASN B 428 1.54 -20.71 6.64
CA ASN B 428 0.57 -19.61 6.61
C ASN B 428 0.07 -19.30 5.20
N PHE B 429 1.00 -19.31 4.24
CA PHE B 429 0.70 -19.07 2.83
C PHE B 429 -0.38 -20.04 2.36
N LEU B 430 -0.17 -21.32 2.67
CA LEU B 430 -1.10 -22.38 2.29
C LEU B 430 -2.42 -22.30 3.06
N ALA B 431 -2.31 -22.09 4.37
CA ALA B 431 -3.49 -22.06 5.24
C ALA B 431 -4.47 -20.95 4.91
N GLN B 432 -3.95 -19.79 4.52
CA GLN B 432 -4.82 -18.64 4.31
C GLN B 432 -5.74 -18.83 3.10
N THR B 433 -5.21 -19.36 1.99
CA THR B 433 -6.06 -19.61 0.82
C THR B 433 -7.01 -20.76 1.10
N GLU B 434 -6.54 -21.76 1.84
CA GLU B 434 -7.40 -22.85 2.29
C GLU B 434 -8.56 -22.30 3.12
N ALA B 435 -8.24 -21.41 4.07
CA ALA B 435 -9.22 -20.81 4.96
C ALA B 435 -10.22 -19.96 4.19
N LEU B 436 -9.71 -19.14 3.27
CA LEU B 436 -10.57 -18.29 2.45
C LEU B 436 -11.55 -19.13 1.62
N MET B 437 -11.10 -20.28 1.12
CA MET B 437 -11.97 -21.18 0.37
C MET B 437 -13.00 -21.90 1.25
N LYS B 438 -12.52 -22.52 2.32
CA LYS B 438 -13.34 -23.43 3.12
C LYS B 438 -14.27 -22.72 4.07
N GLY B 439 -13.78 -21.66 4.70
CA GLY B 439 -14.47 -21.05 5.82
C GLY B 439 -14.60 -22.00 6.99
N LYS B 440 -15.56 -21.72 7.86
CA LYS B 440 -15.83 -22.55 9.04
C LYS B 440 -17.32 -22.60 9.26
N LEU B 441 -17.87 -23.80 9.28
CA LEU B 441 -19.32 -23.99 9.37
C LEU B 441 -19.83 -23.82 10.80
N PRO B 442 -21.10 -23.46 10.95
CA PRO B 442 -21.72 -23.35 12.27
C PRO B 442 -21.47 -24.59 13.14
N GLU B 443 -21.57 -25.78 12.55
CA GLU B 443 -21.35 -27.03 13.30
C GLU B 443 -19.92 -27.17 13.81
N GLU B 444 -18.97 -26.61 13.08
CA GLU B 444 -17.56 -26.63 13.48
C GLU B 444 -17.32 -25.62 14.61
N ALA B 445 -17.81 -24.39 14.42
CA ALA B 445 -17.67 -23.34 15.43
C ALA B 445 -18.42 -23.65 16.73
N ARG B 446 -19.60 -24.25 16.61
CA ARG B 446 -20.42 -24.60 17.78
C ARG B 446 -19.67 -25.54 18.72
N LYS B 447 -19.05 -26.58 18.15
CA LYS B 447 -18.26 -27.53 18.93
C LYS B 447 -17.08 -26.87 19.64
N GLU B 448 -16.43 -25.91 18.97
CA GLU B 448 -15.33 -25.17 19.57
C GLU B 448 -15.79 -24.33 20.76
N LEU B 449 -16.92 -23.65 20.60
CA LEU B 449 -17.49 -22.84 21.67
C LEU B 449 -17.89 -23.69 22.87
N GLN B 450 -18.49 -24.86 22.60
CA GLN B 450 -18.86 -25.81 23.66
C GLN B 450 -17.64 -26.30 24.43
N ALA B 451 -16.59 -26.69 23.70
CA ALA B 451 -15.35 -27.16 24.30
C ALA B 451 -14.65 -26.08 25.13
N ALA B 452 -14.83 -24.82 24.74
CA ALA B 452 -14.25 -23.69 25.44
C ALA B 452 -14.97 -23.36 26.75
N GLY B 453 -16.05 -24.08 27.04
CA GLY B 453 -16.79 -23.92 28.28
C GLY B 453 -17.79 -22.76 28.27
N LYS B 454 -18.25 -22.38 27.08
CA LYS B 454 -19.23 -21.29 26.96
C LYS B 454 -20.62 -21.77 27.38
N SER B 455 -21.31 -20.93 28.15
CA SER B 455 -22.69 -21.18 28.53
C SER B 455 -23.59 -21.21 27.29
N PRO B 456 -24.71 -21.93 27.36
CA PRO B 456 -25.67 -21.96 26.25
C PRO B 456 -26.06 -20.57 25.72
N GLU B 457 -26.17 -19.59 26.61
CA GLU B 457 -26.51 -18.22 26.25
C GLU B 457 -25.35 -17.52 25.54
N ASP B 458 -24.14 -17.70 26.07
CA ASP B 458 -22.94 -17.12 25.45
C ASP B 458 -22.62 -17.78 24.11
N LEU B 459 -22.77 -19.09 24.03
CA LEU B 459 -22.54 -19.83 22.79
C LEU B 459 -23.45 -19.31 21.68
N GLU B 460 -24.74 -19.19 22.00
CA GLU B 460 -25.74 -18.71 21.04
C GLU B 460 -25.39 -17.33 20.49
N LYS B 461 -24.98 -16.43 21.39
CA LYS B 461 -24.64 -15.06 21.03
C LYS B 461 -23.37 -14.99 20.18
N LEU B 462 -22.39 -15.83 20.52
CA LEU B 462 -21.08 -15.81 19.86
C LEU B 462 -21.05 -16.54 18.52
N LEU B 463 -21.89 -17.55 18.39
CA LEU B 463 -21.84 -18.44 17.22
C LEU B 463 -21.68 -17.76 15.84
N PRO B 464 -22.59 -16.85 15.45
CA PRO B 464 -22.48 -16.24 14.12
C PRO B 464 -21.19 -15.45 13.92
N HIS B 465 -20.63 -14.89 14.99
CA HIS B 465 -19.38 -14.15 14.92
C HIS B 465 -18.19 -15.05 14.60
N LYS B 466 -18.32 -16.33 14.94
CA LYS B 466 -17.22 -17.31 14.80
C LYS B 466 -17.29 -18.08 13.48
N VAL B 467 -18.38 -17.91 12.74
CA VAL B 467 -18.56 -18.57 11.46
C VAL B 467 -17.81 -17.81 10.37
N PHE B 468 -17.12 -18.56 9.51
CA PHE B 468 -16.48 -18.01 8.32
C PHE B 468 -17.27 -18.53 7.11
N GLU B 469 -17.84 -17.61 6.33
CA GLU B 469 -18.64 -17.99 5.16
C GLU B 469 -17.80 -18.64 4.06
N GLY B 470 -16.52 -18.28 4.00
CA GLY B 470 -15.62 -18.85 3.00
C GLY B 470 -16.03 -18.49 1.58
N ASN B 471 -15.72 -19.38 0.64
CA ASN B 471 -16.01 -19.16 -0.78
C ASN B 471 -15.33 -17.94 -1.36
N ARG B 472 -14.17 -17.59 -0.78
CA ARG B 472 -13.38 -16.43 -1.21
C ARG B 472 -12.23 -16.90 -2.09
N PRO B 473 -12.25 -16.53 -3.37
CA PRO B 473 -11.31 -17.09 -4.35
C PRO B 473 -9.92 -16.46 -4.33
N THR B 474 -8.92 -17.29 -4.64
CA THR B 474 -7.52 -16.86 -4.70
C THR B 474 -6.78 -17.55 -5.83
N ASN B 475 -5.69 -16.92 -6.25
CA ASN B 475 -4.63 -17.57 -7.01
C ASN B 475 -3.46 -17.79 -6.07
N SER B 476 -2.77 -18.91 -6.23
CA SER B 476 -1.51 -19.15 -5.55
C SER B 476 -0.43 -19.29 -6.61
N ILE B 477 0.55 -18.40 -6.54
CA ILE B 477 1.66 -18.39 -7.48
C ILE B 477 2.93 -18.74 -6.69
N VAL B 478 3.45 -19.93 -6.95
CA VAL B 478 4.57 -20.48 -6.20
C VAL B 478 5.73 -20.76 -7.15
N PHE B 479 6.93 -20.37 -6.74
CA PHE B 479 8.09 -20.48 -7.62
C PHE B 479 9.31 -21.01 -6.87
N THR B 480 10.21 -21.68 -7.57
CA THR B 480 11.32 -22.39 -6.93
C THR B 480 12.11 -21.49 -5.95
N LYS B 481 12.47 -20.30 -6.43
CA LYS B 481 13.28 -19.35 -5.68
C LYS B 481 13.12 -17.99 -6.34
N LEU B 482 13.17 -16.92 -5.57
CA LEU B 482 13.13 -15.59 -6.14
C LEU B 482 14.53 -15.14 -6.59
N THR B 483 14.92 -15.63 -7.76
CA THR B 483 16.18 -15.27 -8.41
C THR B 483 15.91 -14.10 -9.36
N PRO B 484 16.95 -13.46 -9.87
CA PRO B 484 16.78 -12.44 -10.92
C PRO B 484 15.95 -12.97 -12.09
N PHE B 485 16.29 -14.15 -12.62
CA PHE B 485 15.53 -14.77 -13.70
C PHE B 485 14.05 -14.92 -13.35
N ILE B 486 13.75 -15.57 -12.23
CA ILE B 486 12.36 -15.82 -11.85
C ILE B 486 11.57 -14.52 -11.63
N LEU B 487 12.19 -13.55 -10.97
CA LEU B 487 11.57 -12.25 -10.78
C LEU B 487 11.23 -11.60 -12.13
N GLY B 488 12.17 -11.65 -13.08
CA GLY B 488 11.93 -11.16 -14.40
C GLY B 488 10.71 -11.81 -15.05
N ALA B 489 10.63 -13.13 -14.93
CA ALA B 489 9.49 -13.87 -15.47
C ALA B 489 8.18 -13.45 -14.83
N LEU B 490 8.19 -13.27 -13.51
CA LEU B 490 6.98 -12.88 -12.78
C LEU B 490 6.48 -11.48 -13.16
N ILE B 491 7.40 -10.52 -13.28
CA ILE B 491 7.00 -9.17 -13.68
C ILE B 491 6.41 -9.19 -15.09
N ALA B 492 7.10 -9.84 -16.02
CA ALA B 492 6.61 -9.94 -17.41
C ALA B 492 5.24 -10.61 -17.47
N MET B 493 5.01 -11.59 -16.60
CA MET B 493 3.73 -12.29 -16.57
C MET B 493 2.59 -11.33 -16.26
N TYR B 494 2.78 -10.48 -15.26
CA TYR B 494 1.78 -9.48 -14.94
C TYR B 494 1.67 -8.39 -16.02
N GLU B 495 2.80 -8.02 -16.63
CA GLU B 495 2.75 -7.08 -17.76
C GLU B 495 1.79 -7.60 -18.83
N HIS B 496 1.92 -8.88 -19.16
CA HIS B 496 1.10 -9.44 -20.22
C HIS B 496 -0.34 -9.68 -19.79
N LYS B 497 -0.57 -10.01 -18.51
CA LYS B 497 -1.93 -10.02 -17.96
C LYS B 497 -2.61 -8.68 -18.23
N ILE B 498 -1.90 -7.60 -17.89
CA ILE B 498 -2.43 -6.24 -18.02
C ILE B 498 -2.73 -5.95 -19.49
N PHE B 499 -1.83 -6.37 -20.37
CA PHE B 499 -2.01 -6.19 -21.82
C PHE B 499 -3.29 -6.88 -22.30
N VAL B 500 -3.47 -8.14 -21.92
CA VAL B 500 -4.64 -8.91 -22.34
C VAL B 500 -5.94 -8.26 -21.87
N GLN B 501 -5.98 -7.82 -20.61
CA GLN B 501 -7.17 -7.15 -20.09
C GLN B 501 -7.50 -5.87 -20.85
N GLY B 502 -6.47 -5.08 -21.15
CA GLY B 502 -6.62 -3.86 -21.93
C GLY B 502 -7.22 -4.09 -23.30
N ILE B 503 -6.72 -5.11 -24.00
CA ILE B 503 -7.26 -5.46 -25.32
C ILE B 503 -8.74 -5.86 -25.21
N MET B 504 -9.07 -6.65 -24.20
CA MET B 504 -10.43 -7.12 -24.03
C MET B 504 -11.41 -5.97 -23.74
N TRP B 505 -10.95 -4.96 -23.01
CA TRP B 505 -11.75 -3.78 -22.72
C TRP B 505 -11.76 -2.76 -23.88
N ASP B 506 -10.91 -3.00 -24.88
CA ASP B 506 -10.77 -2.12 -26.04
C ASP B 506 -10.19 -0.75 -25.66
N ILE B 507 -9.40 -0.72 -24.60
CA ILE B 507 -8.76 0.52 -24.17
C ILE B 507 -7.28 0.50 -24.56
N ASN B 508 -6.61 1.64 -24.38
CA ASN B 508 -5.19 1.76 -24.64
C ASN B 508 -4.42 1.64 -23.34
N SER B 509 -3.73 0.51 -23.17
CA SER B 509 -2.99 0.24 -21.94
C SER B 509 -1.72 1.07 -21.86
N PHE B 510 -1.40 1.80 -22.92
CA PHE B 510 -0.04 2.33 -23.08
C PHE B 510 0.10 3.84 -23.13
N ASP B 511 -1.03 4.54 -23.02
CA ASP B 511 -1.00 6.00 -22.87
C ASP B 511 -1.34 6.38 -21.43
N GLN B 512 -1.35 7.68 -21.13
CA GLN B 512 -1.66 8.17 -19.78
C GLN B 512 -2.13 9.62 -19.82
N TRP B 513 -3.20 9.87 -20.56
CA TRP B 513 -3.72 11.22 -20.74
C TRP B 513 -4.31 11.80 -19.46
N GLY B 514 -4.65 10.91 -18.52
CA GLY B 514 -5.24 11.29 -17.25
C GLY B 514 -4.34 11.99 -16.26
N VAL B 515 -3.04 12.11 -16.59
CA VAL B 515 -2.13 12.83 -15.70
C VAL B 515 -2.08 14.33 -16.02
N GLU B 516 -2.60 14.70 -17.20
CA GLU B 516 -2.41 16.06 -17.73
C GLU B 516 -3.08 17.18 -16.92
N LEU B 517 -4.34 17.00 -16.53
CA LEU B 517 -5.09 18.06 -15.88
C LEU B 517 -4.47 18.49 -14.55
N GLY B 518 -4.06 17.52 -13.74
CA GLY B 518 -3.41 17.80 -12.48
C GLY B 518 -2.14 18.62 -12.66
N LYS B 519 -1.37 18.29 -13.70
CA LYS B 519 -0.13 19.00 -14.01
C LYS B 519 -0.41 20.45 -14.39
N GLN B 520 -1.42 20.66 -15.25
CA GLN B 520 -1.80 21.99 -15.69
C GLN B 520 -2.20 22.89 -14.51
N LEU B 521 -3.07 22.38 -13.66
CA LEU B 521 -3.56 23.16 -12.53
C LEU B 521 -2.48 23.44 -11.49
N ALA B 522 -1.52 22.52 -11.35
CA ALA B 522 -0.43 22.71 -10.40
C ALA B 522 0.48 23.85 -10.84
N LYS B 523 0.73 23.92 -12.15
CA LYS B 523 1.56 24.97 -12.71
C LYS B 523 0.97 26.37 -12.47
N LYS B 524 -0.36 26.45 -12.45
CA LYS B 524 -1.06 27.71 -12.21
C LYS B 524 -0.99 28.11 -10.73
N ILE B 525 -1.04 27.13 -9.84
CA ILE B 525 -1.04 27.40 -8.41
C ILE B 525 0.34 27.78 -7.87
N GLU B 526 1.39 27.14 -8.40
CA GLU B 526 2.74 27.35 -7.90
C GLU B 526 3.09 28.82 -7.60
N PRO B 527 3.03 29.72 -8.59
CA PRO B 527 3.43 31.12 -8.38
C PRO B 527 2.50 31.89 -7.43
N GLU B 528 1.27 31.39 -7.25
CA GLU B 528 0.29 32.06 -6.41
C GLU B 528 0.57 31.92 -4.91
N LEU B 529 1.36 30.92 -4.55
CA LEU B 529 1.65 30.65 -3.14
C LEU B 529 2.59 31.67 -2.50
N GLU B 530 3.51 32.22 -3.30
CA GLU B 530 4.47 33.24 -2.86
C GLU B 530 3.78 34.53 -2.41
N GLY B 531 4.29 35.14 -1.34
CA GLY B 531 3.78 36.39 -0.84
C GLY B 531 2.46 36.28 -0.11
N SER B 532 2.04 37.38 0.51
CA SER B 532 0.89 37.38 1.42
C SER B 532 -0.44 37.78 0.77
N SER B 533 -0.42 38.14 -0.52
CA SER B 533 -1.64 38.55 -1.22
C SER B 533 -2.65 37.41 -1.34
N ALA B 534 -3.92 37.77 -1.19
CA ALA B 534 -5.00 36.79 -1.25
C ALA B 534 -5.15 36.20 -2.65
N VAL B 535 -5.40 34.90 -2.71
CA VAL B 535 -5.66 34.22 -3.97
C VAL B 535 -7.16 33.96 -4.09
N THR B 536 -7.75 34.44 -5.18
CA THR B 536 -9.19 34.34 -5.39
C THR B 536 -9.54 33.71 -6.74
N SER B 537 -8.53 33.19 -7.44
CA SER B 537 -8.67 32.75 -8.82
C SER B 537 -9.30 31.37 -9.02
N HIS B 538 -9.56 30.66 -7.92
CA HIS B 538 -10.11 29.31 -8.01
C HIS B 538 -11.49 29.22 -7.37
N ASP B 539 -12.01 28.00 -7.31
CA ASP B 539 -13.18 27.69 -6.50
C ASP B 539 -12.87 28.04 -5.04
N SER B 540 -13.90 28.17 -4.21
CA SER B 540 -13.72 28.63 -2.84
C SER B 540 -12.95 27.66 -1.94
N SER B 541 -12.94 26.37 -2.27
CA SER B 541 -12.16 25.40 -1.49
C SER B 541 -10.67 25.59 -1.73
N THR B 542 -10.28 25.58 -3.01
CA THR B 542 -8.88 25.81 -3.37
C THR B 542 -8.41 27.16 -2.79
N ASN B 543 -9.21 28.21 -2.97
CA ASN B 543 -8.90 29.51 -2.37
C ASN B 543 -8.74 29.44 -0.84
N GLY B 544 -9.66 28.71 -0.19
CA GLY B 544 -9.69 28.61 1.26
C GLY B 544 -8.50 27.86 1.83
N LEU B 545 -8.08 26.83 1.10
CA LEU B 545 -6.90 26.05 1.49
C LEU B 545 -5.64 26.87 1.35
N ILE B 546 -5.55 27.63 0.24
CA ILE B 546 -4.42 28.54 0.04
C ILE B 546 -4.38 29.59 1.14
N SER B 547 -5.54 30.15 1.48
CA SER B 547 -5.60 31.13 2.57
C SER B 547 -5.09 30.55 3.89
N PHE B 548 -5.47 29.31 4.19
CA PHE B 548 -5.01 28.63 5.39
C PHE B 548 -3.49 28.45 5.36
N ILE B 549 -2.95 28.06 4.20
CA ILE B 549 -1.50 27.90 4.00
C ILE B 549 -0.77 29.22 4.28
N LYS B 550 -1.26 30.30 3.68
CA LYS B 550 -0.63 31.61 3.88
C LYS B 550 -0.72 32.08 5.34
N GLN B 551 -1.84 31.79 6.00
CA GLN B 551 -2.02 32.21 7.39
C GLN B 551 -1.16 31.40 8.35
N GLN B 552 -0.97 30.11 8.06
CA GLN B 552 -0.36 29.20 9.02
C GLN B 552 1.14 28.99 8.86
N ARG B 553 1.71 29.43 7.75
CA ARG B 553 3.11 29.12 7.46
C ARG B 553 4.15 29.88 8.30
N ASP B 554 3.72 30.96 8.94
CA ASP B 554 4.62 31.76 9.78
C ASP B 554 4.45 31.49 11.27
N THR B 555 3.43 30.72 11.64
CA THR B 555 3.14 30.40 13.04
C THR B 555 4.25 29.57 13.67
N LYS B 556 4.73 30.02 14.83
CA LYS B 556 5.79 29.31 15.56
C LYS B 556 5.21 28.34 16.58
N LEU B 557 5.59 27.07 16.43
CA LEU B 557 5.15 26.02 17.34
C LEU B 557 6.31 25.45 18.15
P PO4 C . -0.23 -9.68 19.70
O1 PO4 C . 1.07 -10.40 19.46
O2 PO4 C . 0.05 -8.23 20.05
O3 PO4 C . -0.98 -10.34 20.82
O4 PO4 C . -1.05 -9.74 18.43
C1 GOL D . 21.70 -1.08 33.61
O1 GOL D . 22.87 -0.40 33.21
C2 GOL D . 21.52 -2.33 32.76
O2 GOL D . 22.76 -3.01 32.64
C3 GOL D . 20.48 -3.23 33.43
O3 GOL D . 21.04 -3.96 34.49
C1 GOL E . 7.28 27.59 0.35
O1 GOL E . 7.61 26.38 0.99
C2 GOL E . 6.17 28.25 1.15
O2 GOL E . 6.42 29.63 1.27
C3 GOL E . 4.84 28.01 0.44
O3 GOL E . 3.81 28.10 1.39
C1 GOL F . 11.84 -25.76 5.71
O1 GOL F . 12.02 -24.38 5.49
C2 GOL F . 11.43 -26.41 4.39
O2 GOL F . 11.85 -27.76 4.37
C3 GOL F . 9.92 -26.32 4.24
O3 GOL F . 9.59 -26.59 2.90
C1 GOL G . 35.23 9.76 -13.22
O1 GOL G . 36.39 9.83 -12.42
C2 GOL G . 35.60 10.22 -14.62
O2 GOL G . 36.49 9.29 -15.20
C3 GOL G . 34.34 10.34 -15.48
O3 GOL G . 34.66 10.97 -16.70
#